data_8G1C
#
_entry.id   8G1C
#
_cell.length_a   52.420
_cell.length_b   66.170
_cell.length_c   90.238
_cell.angle_alpha   104.090
_cell.angle_beta   93.310
_cell.angle_gamma   91.600
#
_symmetry.space_group_name_H-M   'P 1'
#
loop_
_entity.id
_entity.type
_entity.pdbx_description
1 polymer 'Heavy chain of monoreactive 3B03 human Fab fragment'
2 polymer 'Light chain of monoreactive 3B03 human Fab fragment'
3 water water
#
loop_
_entity_poly.entity_id
_entity_poly.type
_entity_poly.pdbx_seq_one_letter_code
_entity_poly.pdbx_strand_id
1 'polypeptide(L)'
;EVQLVESGGGLVQPGGSLRLSCSASGFTFSNYAMHWVRQAPGKGLEYVSAISGNGGNTYYADSVKGRFSISRDNSKNTLF
LQMSSLKTEDTAVYYCVKGQFLEWYNWFDPWGQGTLVTVSSASTKGPSVFPLAPSSKSTSGGTAALGCLVKDYFPEPVTV
SWNSGALTSGVHTFPAVLQSSGLYSLSSVVTVPSSSLGTQTYICNVNHKPSNTKVDKRVEP
;
A,C
2 'polypeptide(L)'
;EIVMTQSPATLSVSPGERATLSCRASQSVSSNLAWYQQKPGQAPRLLIYGASTRATGIPARFSGSGSGTEFTLTISSLQS
EDFAVYYCQQCDNWPPTFGQGTKVEIKRTVAAPSVFIFPPSDEQLKSGTASVVCLLNNFYPREAKVQWKVDNALQSGNSQ
ESVTEQDSKDSTYSLSSTLTLSKADYEKHKVYACEVTHQGLSSPVTKSFNR
;
B,D
#
# COMPACT_ATOMS: atom_id res chain seq x y z
N GLU A 1 12.22 -43.52 17.74
CA GLU A 1 12.22 -43.23 16.31
C GLU A 1 13.54 -42.59 15.87
N VAL A 2 14.00 -42.93 14.66
CA VAL A 2 15.20 -42.31 14.12
C VAL A 2 14.88 -40.87 13.72
N GLN A 3 15.76 -39.95 14.08
CA GLN A 3 15.65 -38.56 13.66
C GLN A 3 17.00 -38.10 13.16
N LEU A 4 17.00 -37.32 12.09
CA LEU A 4 18.18 -36.67 11.53
C LEU A 4 17.89 -35.19 11.43
N VAL A 5 18.75 -34.34 11.98
CA VAL A 5 18.49 -32.91 12.01
C VAL A 5 19.71 -32.18 11.48
N GLU A 6 19.58 -31.55 10.31
CA GLU A 6 20.65 -30.76 9.72
C GLU A 6 20.68 -29.35 10.29
N SER A 7 21.88 -28.79 10.38
CA SER A 7 22.07 -27.37 10.67
C SER A 7 23.27 -26.87 9.89
N GLY A 8 23.40 -25.55 9.83
CA GLY A 8 24.57 -24.92 9.23
C GLY A 8 24.31 -24.24 7.91
N GLY A 9 23.14 -24.39 7.31
CA GLY A 9 22.87 -23.78 6.03
C GLY A 9 22.75 -22.26 6.12
N GLY A 10 22.82 -21.63 4.96
CA GLY A 10 22.72 -20.18 4.88
C GLY A 10 23.41 -19.67 3.63
N LEU A 11 23.67 -18.36 3.65
CA LEU A 11 24.24 -17.68 2.51
C LEU A 11 25.76 -17.70 2.62
N VAL A 12 26.42 -17.95 1.49
CA VAL A 12 27.89 -17.96 1.45
C VAL A 12 28.32 -17.51 0.06
N GLN A 13 29.50 -16.80 0.00
CA GLN A 13 29.89 -16.33 -1.32
C GLN A 13 30.73 -17.38 -2.04
N PRO A 14 30.76 -17.36 -3.37
CA PRO A 14 31.70 -18.21 -4.08
C PRO A 14 33.09 -17.82 -3.60
N GLY A 15 33.96 -18.80 -3.43
CA GLY A 15 35.23 -18.50 -2.82
C GLY A 15 35.21 -18.56 -1.30
N GLY A 16 34.05 -18.77 -0.69
CA GLY A 16 33.96 -19.01 0.74
C GLY A 16 33.92 -20.49 1.06
N SER A 17 33.55 -20.79 2.30
CA SER A 17 33.36 -22.18 2.70
C SER A 17 32.25 -22.25 3.74
N LEU A 18 31.67 -23.45 3.88
CA LEU A 18 30.55 -23.64 4.79
C LEU A 18 30.54 -25.08 5.27
N ARG A 19 30.22 -25.28 6.55
CA ARG A 19 30.16 -26.62 7.12
C ARG A 19 28.71 -26.91 7.51
N LEU A 20 28.17 -28.01 7.00
CA LEU A 20 26.88 -28.51 7.42
C LEU A 20 27.05 -29.64 8.43
N SER A 21 26.11 -29.69 9.38
CA SER A 21 26.07 -30.74 10.41
C SER A 21 24.73 -31.45 10.33
N CYS A 22 24.75 -32.72 10.72
CA CYS A 22 23.52 -33.52 10.83
C CYS A 22 23.62 -34.31 12.12
N SER A 23 22.72 -34.04 13.05
CA SER A 23 22.69 -34.73 14.34
C SER A 23 21.75 -35.92 14.25
N ALA A 24 22.26 -37.10 14.59
CA ALA A 24 21.51 -38.34 14.46
C ALA A 24 21.10 -38.87 15.83
N SER A 25 19.92 -39.47 15.89
CA SER A 25 19.43 -40.05 17.13
C SER A 25 18.47 -41.19 16.80
N GLY A 26 18.30 -42.10 17.77
CA GLY A 26 17.34 -43.17 17.65
C GLY A 26 17.87 -44.43 17.01
N PHE A 27 19.17 -44.52 16.75
CA PHE A 27 19.77 -45.73 16.20
C PHE A 27 21.25 -45.73 16.53
N THR A 28 21.89 -46.88 16.32
CA THR A 28 23.33 -47.01 16.56
C THR A 28 24.06 -46.44 15.35
N PHE A 29 24.41 -45.15 15.47
CA PHE A 29 24.94 -44.37 14.36
C PHE A 29 26.16 -45.05 13.71
N SER A 30 27.10 -45.54 14.52
CA SER A 30 28.32 -46.11 13.95
C SER A 30 28.10 -47.41 13.20
N ASN A 31 26.91 -48.03 13.30
CA ASN A 31 26.67 -49.24 12.53
C ASN A 31 26.24 -48.97 11.09
N TYR A 32 26.03 -47.72 10.70
CA TYR A 32 25.38 -47.41 9.44
C TYR A 32 26.19 -46.47 8.59
N ALA A 33 26.28 -46.78 7.30
CA ALA A 33 26.72 -45.80 6.33
C ALA A 33 25.76 -44.61 6.29
N MET A 34 26.32 -43.43 6.01
CA MET A 34 25.55 -42.21 5.92
C MET A 34 25.86 -41.51 4.60
N HIS A 35 24.93 -40.66 4.16
CA HIS A 35 25.07 -40.01 2.86
C HIS A 35 24.50 -38.59 2.91
N TRP A 36 24.91 -37.80 1.94
CA TRP A 36 24.29 -36.51 1.62
C TRP A 36 23.71 -36.55 0.22
N VAL A 37 22.54 -35.94 0.09
CA VAL A 37 21.83 -35.74 -1.17
C VAL A 37 21.36 -34.29 -1.18
N ARG A 38 21.36 -33.68 -2.36
CA ARG A 38 20.91 -32.29 -2.46
C ARG A 38 19.88 -32.11 -3.56
N GLN A 39 19.23 -30.93 -3.53
CA GLN A 39 18.15 -30.60 -4.45
C GLN A 39 18.15 -29.10 -4.69
N ALA A 40 18.53 -28.70 -5.89
CA ALA A 40 18.45 -27.30 -6.29
C ALA A 40 16.98 -26.88 -6.32
N PRO A 41 16.69 -25.60 -6.04
CA PRO A 41 15.29 -25.14 -6.04
C PRO A 41 14.56 -25.49 -7.33
N GLY A 42 13.45 -26.21 -7.21
CA GLY A 42 12.67 -26.60 -8.37
C GLY A 42 13.24 -27.75 -9.20
N LYS A 43 14.34 -28.37 -8.78
CA LYS A 43 14.98 -29.42 -9.54
C LYS A 43 14.83 -30.75 -8.81
N GLY A 44 15.45 -31.79 -9.37
CA GLY A 44 15.37 -33.12 -8.81
C GLY A 44 16.45 -33.38 -7.78
N LEU A 45 16.55 -34.65 -7.38
CA LEU A 45 17.49 -35.07 -6.36
C LEU A 45 18.84 -35.44 -6.97
N GLU A 46 19.93 -34.99 -6.34
CA GLU A 46 21.29 -35.25 -6.79
C GLU A 46 22.10 -35.82 -5.63
N TYR A 47 22.60 -37.03 -5.80
CA TYR A 47 23.45 -37.64 -4.79
C TYR A 47 24.76 -36.88 -4.67
N VAL A 48 25.26 -36.74 -3.44
CA VAL A 48 26.46 -35.95 -3.15
C VAL A 48 27.62 -36.82 -2.67
N SER A 49 27.43 -37.56 -1.58
CA SER A 49 28.60 -38.19 -0.95
C SER A 49 28.19 -39.31 -0.01
N ALA A 50 29.10 -40.28 0.18
CA ALA A 50 28.91 -41.42 1.06
C ALA A 50 30.02 -41.48 2.09
N ILE A 51 29.71 -42.00 3.28
CA ILE A 51 30.76 -42.34 4.24
C ILE A 51 30.40 -43.65 4.94
N SER A 52 31.39 -44.54 5.06
CA SER A 52 31.17 -45.81 5.72
C SER A 52 30.96 -45.61 7.22
N GLY A 53 30.47 -46.69 7.87
CA GLY A 53 30.13 -46.60 9.28
C GLY A 53 31.29 -46.11 10.15
N ASN A 54 32.50 -46.61 9.91
CA ASN A 54 33.64 -46.19 10.72
C ASN A 54 34.41 -45.03 10.09
N GLY A 55 33.91 -44.45 9.01
CA GLY A 55 34.57 -43.32 8.39
C GLY A 55 35.75 -43.64 7.49
N GLY A 56 36.10 -44.92 7.35
CA GLY A 56 37.28 -45.32 6.61
C GLY A 56 37.17 -45.22 5.11
N ASN A 57 35.95 -45.24 4.56
CA ASN A 57 35.75 -45.10 3.12
C ASN A 57 34.83 -43.92 2.86
N THR A 58 35.21 -43.10 1.90
CA THR A 58 34.39 -41.96 1.46
C THR A 58 34.26 -41.99 -0.04
N TYR A 59 33.13 -41.48 -0.52
CA TYR A 59 32.86 -41.40 -1.96
C TYR A 59 32.20 -40.06 -2.27
N TYR A 60 32.57 -39.48 -3.42
CA TYR A 60 32.04 -38.18 -3.85
C TYR A 60 31.56 -38.27 -5.29
N ALA A 61 30.37 -37.75 -5.54
CA ALA A 61 29.96 -37.52 -6.92
C ALA A 61 30.95 -36.60 -7.60
N ASP A 62 31.18 -36.82 -8.89
CA ASP A 62 32.12 -36.00 -9.64
C ASP A 62 31.81 -34.51 -9.53
N SER A 63 30.53 -34.16 -9.38
CA SER A 63 30.15 -32.74 -9.29
C SER A 63 30.71 -32.05 -8.05
N VAL A 64 31.03 -32.79 -6.99
CA VAL A 64 31.57 -32.18 -5.76
C VAL A 64 32.96 -32.70 -5.40
N LYS A 65 33.46 -33.71 -6.09
CA LYS A 65 34.76 -34.30 -5.74
C LYS A 65 35.89 -33.29 -5.90
N GLY A 66 36.79 -33.26 -4.90
CA GLY A 66 37.83 -32.27 -4.83
C GLY A 66 37.41 -30.95 -4.21
N ARG A 67 36.12 -30.76 -3.93
CA ARG A 67 35.62 -29.52 -3.34
C ARG A 67 34.95 -29.74 -2.00
N PHE A 68 34.11 -30.75 -1.88
CA PHE A 68 33.42 -31.07 -0.63
C PHE A 68 34.12 -32.21 0.09
N SER A 69 33.98 -32.26 1.41
CA SER A 69 34.53 -33.34 2.22
C SER A 69 33.49 -33.81 3.22
N ILE A 70 33.38 -35.13 3.37
CA ILE A 70 32.42 -35.74 4.28
C ILE A 70 33.20 -36.31 5.45
N SER A 71 32.58 -36.26 6.64
CA SER A 71 33.23 -36.84 7.82
C SER A 71 32.15 -37.10 8.85
N ARG A 72 32.50 -37.87 9.87
CA ARG A 72 31.55 -38.21 10.92
C ARG A 72 32.27 -38.32 12.25
N ASP A 73 31.57 -37.94 13.30
CA ASP A 73 32.02 -38.08 14.68
C ASP A 73 31.10 -39.10 15.33
N ASN A 74 31.55 -40.35 15.41
CA ASN A 74 30.73 -41.41 15.98
C ASN A 74 30.58 -41.30 17.49
N SER A 75 31.42 -40.52 18.16
CA SER A 75 31.23 -40.30 19.58
C SER A 75 30.12 -39.29 19.87
N LYS A 76 29.87 -38.38 18.94
CA LYS A 76 28.82 -37.37 19.11
C LYS A 76 27.63 -37.62 18.21
N ASN A 77 27.63 -38.72 17.46
CA ASN A 77 26.52 -39.07 16.56
C ASN A 77 26.21 -37.92 15.60
N THR A 78 27.26 -37.41 14.95
CA THR A 78 27.10 -36.31 14.02
C THR A 78 27.79 -36.62 12.69
N LEU A 79 27.13 -36.23 11.60
CA LEU A 79 27.66 -36.31 10.25
C LEU A 79 27.88 -34.88 9.75
N PHE A 80 28.96 -34.67 8.99
CA PHE A 80 29.29 -33.34 8.50
C PHE A 80 29.49 -33.33 6.99
N LEU A 81 29.30 -32.17 6.39
CA LEU A 81 29.67 -31.92 5.00
C LEU A 81 30.41 -30.60 4.99
N GLN A 82 31.69 -30.62 4.63
CA GLN A 82 32.47 -29.41 4.49
C GLN A 82 32.44 -28.99 3.03
N MET A 83 31.97 -27.77 2.78
CA MET A 83 31.81 -27.26 1.43
C MET A 83 32.89 -26.22 1.19
N SER A 84 33.68 -26.42 0.13
CA SER A 84 34.74 -25.50 -0.24
C SER A 84 34.78 -25.42 -1.77
N SER A 85 35.62 -24.51 -2.29
CA SER A 85 35.68 -24.26 -3.73
C SER A 85 34.26 -24.11 -4.30
N LEU A 86 33.48 -23.25 -3.66
CA LEU A 86 32.04 -23.21 -3.90
C LEU A 86 31.70 -22.60 -5.25
N LYS A 87 30.57 -23.06 -5.81
CA LYS A 87 30.04 -22.55 -7.07
C LYS A 87 28.60 -22.12 -6.82
N THR A 88 28.12 -21.14 -7.59
CA THR A 88 26.70 -20.78 -7.45
C THR A 88 25.80 -21.99 -7.67
N GLU A 89 26.19 -22.95 -8.52
CA GLU A 89 25.39 -24.14 -8.78
C GLU A 89 25.27 -25.07 -7.58
N ASP A 90 26.05 -24.83 -6.51
CA ASP A 90 25.89 -25.58 -5.26
C ASP A 90 24.71 -25.10 -4.42
N THR A 91 24.01 -24.05 -4.85
CA THR A 91 22.81 -23.61 -4.15
C THR A 91 21.76 -24.72 -4.19
N ALA A 92 21.32 -25.17 -3.01
CA ALA A 92 20.46 -26.34 -2.93
C ALA A 92 20.04 -26.54 -1.48
N VAL A 93 18.95 -27.28 -1.28
CA VAL A 93 18.67 -27.85 0.03
C VAL A 93 19.52 -29.11 0.17
N TYR A 94 20.24 -29.22 1.28
CA TYR A 94 21.08 -30.38 1.53
C TYR A 94 20.43 -31.29 2.57
N TYR A 95 20.34 -32.57 2.24
CA TYR A 95 19.69 -33.58 3.07
C TYR A 95 20.71 -34.56 3.61
N CYS A 96 20.70 -34.72 4.94
CA CYS A 96 21.29 -35.84 5.64
C CYS A 96 20.40 -37.07 5.49
N VAL A 97 21.01 -38.23 5.29
CA VAL A 97 20.29 -39.43 4.87
C VAL A 97 20.97 -40.67 5.45
N LYS A 98 20.16 -41.58 6.01
CA LYS A 98 20.70 -42.79 6.65
C LYS A 98 20.74 -43.93 5.66
N GLY A 99 21.87 -44.63 5.62
CA GLY A 99 22.08 -45.75 4.72
C GLY A 99 21.89 -47.08 5.42
N GLN A 100 22.51 -48.11 4.87
CA GLN A 100 22.46 -49.42 5.51
C GLN A 100 23.81 -49.72 6.16
N PHE A 101 24.16 -51.01 6.26
CA PHE A 101 25.37 -51.38 7.01
C PHE A 101 26.63 -51.16 6.18
N LEU A 102 26.71 -51.77 5.01
CA LEU A 102 27.70 -51.43 4.01
C LEU A 102 27.25 -50.18 3.25
N GLU A 103 28.22 -49.44 2.70
CA GLU A 103 27.89 -48.16 2.08
C GLU A 103 27.45 -48.25 0.63
N TRP A 104 27.70 -49.37 -0.05
CA TRP A 104 27.43 -49.42 -1.49
C TRP A 104 26.00 -49.78 -1.78
N TYR A 105 25.45 -49.15 -2.82
CA TYR A 105 24.18 -49.55 -3.41
C TYR A 105 23.07 -49.47 -2.38
N ASN A 106 23.13 -48.41 -1.58
CA ASN A 106 22.15 -48.13 -0.54
C ASN A 106 20.91 -47.48 -1.13
N TRP A 107 19.81 -47.61 -0.41
CA TRP A 107 18.70 -46.66 -0.46
C TRP A 107 18.81 -45.75 0.75
N PHE A 108 17.95 -44.75 0.83
CA PHE A 108 18.12 -43.65 1.78
C PHE A 108 16.89 -43.52 2.66
N ASP A 109 17.08 -43.73 3.98
CA ASP A 109 15.94 -43.75 4.91
C ASP A 109 16.37 -43.77 6.36
N PRO A 110 15.96 -42.79 7.18
CA PRO A 110 15.15 -41.64 6.76
C PRO A 110 16.00 -40.48 6.23
N TRP A 111 15.33 -39.35 5.98
CA TRP A 111 15.94 -38.12 5.49
C TRP A 111 15.78 -37.06 6.57
N GLY A 112 16.77 -36.19 6.70
CA GLY A 112 16.57 -35.01 7.52
C GLY A 112 15.59 -34.05 6.87
N GLN A 113 15.25 -32.97 7.60
CA GLN A 113 14.37 -31.96 7.06
C GLN A 113 15.02 -31.12 5.97
N GLY A 114 16.34 -31.13 5.88
CA GLY A 114 17.06 -30.33 4.88
C GLY A 114 17.48 -28.97 5.43
N THR A 115 18.58 -28.45 4.87
CA THR A 115 19.05 -27.11 5.17
C THR A 115 19.43 -26.42 3.86
N LEU A 116 18.98 -25.18 3.68
CA LEU A 116 19.17 -24.46 2.43
C LEU A 116 20.51 -23.75 2.45
N VAL A 117 21.35 -24.04 1.46
CA VAL A 117 22.61 -23.32 1.24
C VAL A 117 22.45 -22.46 -0.01
N THR A 118 22.65 -21.16 0.15
CA THR A 118 22.61 -20.23 -0.97
C THR A 118 24.03 -19.75 -1.24
N VAL A 119 24.55 -20.04 -2.43
CA VAL A 119 25.89 -19.61 -2.84
C VAL A 119 25.70 -18.50 -3.85
N SER A 120 26.05 -17.28 -3.47
CA SER A 120 25.79 -16.14 -4.33
C SER A 120 26.71 -15.00 -3.98
N SER A 121 26.94 -14.13 -4.95
CA SER A 121 27.66 -12.88 -4.71
C SER A 121 26.78 -11.80 -4.09
N ALA A 122 25.45 -11.95 -4.15
CA ALA A 122 24.55 -10.94 -3.62
C ALA A 122 24.64 -10.89 -2.11
N SER A 123 24.32 -9.73 -1.54
CA SER A 123 24.34 -9.58 -0.10
C SER A 123 22.92 -9.54 0.46
N THR A 124 22.82 -9.90 1.75
CA THR A 124 21.55 -9.93 2.45
C THR A 124 20.86 -8.58 2.38
N LYS A 125 19.56 -8.60 2.11
CA LYS A 125 18.82 -7.36 2.30
C LYS A 125 17.33 -7.63 2.23
N GLY A 126 16.58 -6.72 2.85
CA GLY A 126 15.16 -6.85 2.97
C GLY A 126 14.43 -6.34 1.75
N PRO A 127 13.19 -6.79 1.60
CA PRO A 127 12.40 -6.42 0.41
C PRO A 127 11.84 -5.02 0.52
N SER A 128 11.59 -4.44 -0.64
CA SER A 128 10.63 -3.35 -0.79
C SER A 128 9.26 -3.96 -1.07
N VAL A 129 8.22 -3.43 -0.45
CA VAL A 129 6.88 -4.00 -0.61
C VAL A 129 6.00 -2.96 -1.30
N PHE A 130 5.49 -3.32 -2.47
CA PHE A 130 4.69 -2.42 -3.29
C PHE A 130 3.27 -2.93 -3.44
N PRO A 131 2.29 -2.05 -3.53
CA PRO A 131 0.90 -2.50 -3.68
C PRO A 131 0.62 -3.01 -5.09
N LEU A 132 -0.15 -4.09 -5.16
CA LEU A 132 -0.84 -4.51 -6.37
C LEU A 132 -2.29 -4.06 -6.18
N ALA A 133 -2.60 -2.85 -6.67
CA ALA A 133 -3.81 -2.15 -6.26
C ALA A 133 -5.01 -2.66 -7.05
N PRO A 134 -6.20 -2.77 -6.41
CA PRO A 134 -7.36 -3.34 -7.10
C PRO A 134 -7.97 -2.40 -8.14
N GLY A 141 -20.48 -5.49 -7.84
CA GLY A 141 -20.99 -6.50 -6.93
C GLY A 141 -20.32 -7.84 -7.14
N GLY A 142 -19.07 -7.80 -7.61
CA GLY A 142 -18.35 -9.00 -7.96
C GLY A 142 -17.14 -9.24 -7.09
N THR A 143 -16.10 -9.83 -7.68
CA THR A 143 -14.87 -10.17 -6.99
C THR A 143 -13.72 -9.36 -7.57
N ALA A 144 -12.82 -8.91 -6.70
CA ALA A 144 -11.66 -8.12 -7.11
C ALA A 144 -10.40 -8.80 -6.60
N ALA A 145 -9.28 -8.47 -7.24
CA ALA A 145 -7.97 -8.97 -6.82
C ALA A 145 -7.08 -7.81 -6.37
N LEU A 146 -6.32 -8.06 -5.31
CA LEU A 146 -5.33 -7.11 -4.84
C LEU A 146 -4.15 -7.90 -4.28
N GLY A 147 -3.04 -7.22 -4.05
CA GLY A 147 -1.91 -7.96 -3.55
C GLY A 147 -0.74 -7.08 -3.17
N CYS A 148 0.37 -7.74 -2.86
CA CYS A 148 1.62 -7.09 -2.54
C CYS A 148 2.73 -7.68 -3.39
N LEU A 149 3.59 -6.82 -3.91
CA LEU A 149 4.78 -7.23 -4.65
C LEU A 149 5.97 -7.08 -3.71
N VAL A 150 6.54 -8.21 -3.31
CA VAL A 150 7.63 -8.25 -2.34
C VAL A 150 8.92 -8.36 -3.15
N LYS A 151 9.61 -7.24 -3.39
CA LYS A 151 10.59 -7.15 -4.45
C LYS A 151 11.99 -6.94 -3.89
N ASP A 152 12.96 -7.61 -4.50
CA ASP A 152 14.38 -7.30 -4.34
C ASP A 152 14.89 -7.64 -2.94
N TYR A 153 14.66 -8.87 -2.51
CA TYR A 153 15.20 -9.36 -1.24
C TYR A 153 16.18 -10.50 -1.49
N PHE A 154 16.97 -10.78 -0.47
CA PHE A 154 17.97 -11.84 -0.56
C PHE A 154 18.50 -12.20 0.82
N PRO A 155 18.71 -13.49 1.11
CA PRO A 155 18.35 -14.67 0.32
C PRO A 155 16.92 -15.08 0.62
N GLU A 156 16.49 -16.22 0.09
CA GLU A 156 15.29 -16.85 0.60
C GLU A 156 15.47 -17.18 2.08
N PRO A 157 14.37 -17.32 2.83
CA PRO A 157 12.97 -17.19 2.39
C PRO A 157 12.27 -15.95 2.95
N VAL A 158 11.04 -15.73 2.51
CA VAL A 158 10.16 -14.70 3.08
C VAL A 158 8.83 -15.35 3.43
N THR A 159 8.15 -14.78 4.40
CA THR A 159 6.78 -15.18 4.74
C THR A 159 5.84 -14.02 4.48
N VAL A 160 4.62 -14.33 4.02
CA VAL A 160 3.60 -13.32 3.80
C VAL A 160 2.30 -13.85 4.38
N SER A 161 1.63 -13.02 5.17
CA SER A 161 0.26 -13.27 5.62
C SER A 161 -0.59 -12.05 5.29
N TRP A 162 -1.89 -12.19 5.48
CA TRP A 162 -2.83 -11.09 5.26
C TRP A 162 -3.63 -10.87 6.52
N ASN A 163 -3.76 -9.60 6.91
CA ASN A 163 -4.51 -9.17 8.09
C ASN A 163 -4.10 -9.97 9.32
N SER A 164 -2.78 -10.09 9.50
CA SER A 164 -2.17 -10.75 10.65
C SER A 164 -2.69 -12.18 10.81
N GLY A 165 -3.02 -12.82 9.68
CA GLY A 165 -3.52 -14.18 9.67
C GLY A 165 -5.02 -14.30 9.71
N ALA A 166 -5.75 -13.19 9.82
CA ALA A 166 -7.20 -13.24 9.83
C ALA A 166 -7.78 -13.48 8.45
N LEU A 167 -7.01 -13.21 7.39
CA LEU A 167 -7.49 -13.36 6.01
C LEU A 167 -6.67 -14.48 5.36
N THR A 168 -7.31 -15.60 5.08
CA THR A 168 -6.65 -16.76 4.49
C THR A 168 -7.37 -17.22 3.23
N SER A 169 -8.68 -17.02 3.18
CA SER A 169 -9.46 -17.50 2.04
C SER A 169 -9.13 -16.68 0.78
N GLY A 170 -8.84 -17.38 -0.31
CA GLY A 170 -8.55 -16.72 -1.56
C GLY A 170 -7.14 -16.16 -1.70
N VAL A 171 -6.25 -16.45 -0.76
CA VAL A 171 -4.86 -15.97 -0.80
C VAL A 171 -4.02 -16.93 -1.62
N HIS A 172 -3.20 -16.37 -2.51
CA HIS A 172 -2.17 -17.13 -3.21
C HIS A 172 -0.85 -16.41 -3.06
N THR A 173 0.10 -17.04 -2.38
CA THR A 173 1.45 -16.49 -2.26
C THR A 173 2.36 -17.32 -3.17
N PHE A 174 2.98 -16.66 -4.14
CA PHE A 174 3.64 -17.34 -5.24
C PHE A 174 5.08 -17.69 -4.89
N PRO A 175 5.64 -18.73 -5.51
CA PRO A 175 7.09 -18.97 -5.37
C PRO A 175 7.87 -17.77 -5.87
N ALA A 176 8.96 -17.47 -5.18
CA ALA A 176 9.81 -16.38 -5.62
C ALA A 176 10.45 -16.71 -6.97
N VAL A 177 10.82 -15.67 -7.71
CA VAL A 177 11.67 -15.81 -8.89
C VAL A 177 13.00 -15.15 -8.57
N LEU A 178 14.07 -15.73 -9.07
CA LEU A 178 15.40 -15.16 -8.92
C LEU A 178 15.67 -14.26 -10.13
N GLN A 179 15.82 -12.96 -9.86
CA GLN A 179 15.98 -11.97 -10.92
C GLN A 179 17.44 -11.94 -11.38
N SER A 180 17.66 -11.36 -12.57
CA SER A 180 19.02 -11.27 -13.10
C SER A 180 19.92 -10.41 -12.22
N SER A 181 19.34 -9.57 -11.38
CA SER A 181 20.10 -8.83 -10.38
C SER A 181 20.68 -9.72 -9.31
N GLY A 182 20.21 -10.97 -9.19
CA GLY A 182 20.59 -11.80 -8.08
C GLY A 182 19.68 -11.68 -6.87
N LEU A 183 18.65 -10.84 -6.93
CA LEU A 183 17.70 -10.68 -5.85
C LEU A 183 16.41 -11.39 -6.21
N TYR A 184 15.66 -11.75 -5.17
CA TYR A 184 14.40 -12.47 -5.34
C TYR A 184 13.24 -11.49 -5.37
N SER A 185 12.15 -11.92 -6.01
CA SER A 185 10.92 -11.14 -6.07
C SER A 185 9.76 -12.12 -6.00
N LEU A 186 8.74 -11.78 -5.20
CA LEU A 186 7.58 -12.63 -4.96
C LEU A 186 6.33 -11.77 -4.93
N SER A 187 5.21 -12.34 -5.37
CA SER A 187 3.92 -11.69 -5.26
C SER A 187 3.00 -12.51 -4.37
N SER A 188 2.15 -11.81 -3.62
CA SER A 188 1.08 -12.44 -2.85
C SER A 188 -0.20 -11.71 -3.16
N VAL A 189 -1.27 -12.45 -3.46
CA VAL A 189 -2.51 -11.83 -3.90
C VAL A 189 -3.66 -12.43 -3.10
N VAL A 190 -4.79 -11.74 -3.14
CA VAL A 190 -6.03 -12.25 -2.55
C VAL A 190 -7.19 -11.70 -3.36
N THR A 191 -8.21 -12.53 -3.56
CA THR A 191 -9.46 -12.08 -4.16
C THR A 191 -10.45 -11.76 -3.05
N VAL A 192 -11.19 -10.66 -3.22
CA VAL A 192 -12.04 -10.10 -2.17
C VAL A 192 -13.29 -9.52 -2.85
N PRO A 193 -14.39 -9.29 -2.12
CA PRO A 193 -15.56 -8.67 -2.77
C PRO A 193 -15.24 -7.27 -3.26
N SER A 194 -15.62 -6.98 -4.51
CA SER A 194 -15.41 -5.64 -5.05
C SER A 194 -16.01 -4.57 -4.15
N SER A 195 -17.13 -4.87 -3.49
CA SER A 195 -17.81 -3.89 -2.64
C SER A 195 -17.03 -3.55 -1.37
N SER A 196 -15.96 -4.30 -1.07
CA SER A 196 -15.17 -4.05 0.13
C SER A 196 -13.91 -3.24 -0.13
N LEU A 197 -13.61 -2.94 -1.39
CA LEU A 197 -12.28 -2.42 -1.74
C LEU A 197 -11.96 -1.12 -1.02
N GLY A 198 -12.94 -0.24 -0.89
CA GLY A 198 -12.73 1.02 -0.24
C GLY A 198 -13.12 1.06 1.23
N THR A 199 -13.68 -0.01 1.76
CA THR A 199 -14.19 0.02 3.14
C THR A 199 -13.48 -0.95 4.07
N GLN A 200 -13.11 -2.13 3.60
CA GLN A 200 -12.36 -3.08 4.42
C GLN A 200 -10.87 -2.81 4.26
N THR A 201 -10.13 -2.97 5.36
CA THR A 201 -8.68 -2.76 5.34
C THR A 201 -7.97 -4.08 5.04
N TYR A 202 -7.09 -4.06 4.03
CA TYR A 202 -6.35 -5.25 3.63
C TYR A 202 -4.87 -4.96 3.80
N ILE A 203 -4.21 -5.73 4.65
CA ILE A 203 -2.80 -5.51 4.98
C ILE A 203 -2.03 -6.80 4.71
N CYS A 204 -0.90 -6.68 4.03
CA CYS A 204 -0.01 -7.83 3.87
C CYS A 204 1.15 -7.69 4.84
N ASN A 205 1.37 -8.75 5.61
CA ASN A 205 2.41 -8.80 6.64
C ASN A 205 3.56 -9.59 6.04
N VAL A 206 4.68 -8.90 5.81
CA VAL A 206 5.86 -9.47 5.16
C VAL A 206 6.95 -9.59 6.23
N ASN A 207 7.52 -10.78 6.37
CA ASN A 207 8.65 -10.98 7.27
C ASN A 207 9.79 -11.64 6.51
N HIS A 208 10.94 -10.96 6.44
CA HIS A 208 12.18 -11.47 5.85
C HIS A 208 13.19 -11.65 6.98
N LYS A 209 13.17 -12.83 7.60
CA LYS A 209 14.05 -13.09 8.73
C LYS A 209 15.53 -12.89 8.43
N PRO A 210 16.08 -13.35 7.29
CA PRO A 210 17.53 -13.16 7.07
C PRO A 210 18.02 -11.73 7.21
N SER A 211 17.17 -10.74 6.94
CA SER A 211 17.54 -9.34 7.08
C SER A 211 16.85 -8.66 8.25
N ASN A 212 16.11 -9.42 9.07
CA ASN A 212 15.33 -8.87 10.17
C ASN A 212 14.47 -7.69 9.69
N THR A 213 13.78 -7.91 8.57
CA THR A 213 12.93 -6.90 7.96
C THR A 213 11.48 -7.37 8.05
N LYS A 214 10.63 -6.53 8.64
CA LYS A 214 9.19 -6.79 8.70
C LYS A 214 8.45 -5.57 8.19
N VAL A 215 7.45 -5.78 7.34
CA VAL A 215 6.67 -4.70 6.77
C VAL A 215 5.20 -5.10 6.83
N ASP A 216 4.35 -4.16 7.29
CA ASP A 216 2.89 -4.28 7.21
C ASP A 216 2.41 -3.23 6.23
N LYS A 217 1.86 -3.67 5.10
CA LYS A 217 1.53 -2.77 4.00
C LYS A 217 0.04 -2.87 3.71
N ARG A 218 -0.67 -1.74 3.85
CA ARG A 218 -2.07 -1.68 3.45
C ARG A 218 -2.18 -1.46 1.94
N VAL A 219 -3.09 -2.19 1.31
CA VAL A 219 -3.28 -2.11 -0.13
C VAL A 219 -4.69 -1.58 -0.38
N GLU A 220 -4.79 -0.44 -1.06
CA GLU A 220 -6.04 0.26 -1.33
C GLU A 220 -6.17 0.53 -2.82
N PRO A 221 -7.39 0.82 -3.32
CA PRO A 221 -7.53 1.35 -4.67
C PRO A 221 -6.63 2.56 -4.94
N GLU B 1 27.45 -45.45 -15.67
CA GLU B 1 26.43 -44.74 -14.91
C GLU B 1 25.03 -45.07 -15.43
N ILE B 2 24.18 -45.57 -14.54
CA ILE B 2 22.85 -46.01 -14.94
C ILE B 2 21.92 -44.80 -15.00
N VAL B 3 21.20 -44.66 -16.10
CA VAL B 3 20.30 -43.54 -16.32
C VAL B 3 18.89 -43.99 -16.04
N MET B 4 18.20 -43.26 -15.17
CA MET B 4 16.84 -43.57 -14.75
C MET B 4 15.88 -42.62 -15.43
N THR B 5 14.87 -43.16 -16.10
CA THR B 5 13.90 -42.37 -16.86
C THR B 5 12.50 -42.68 -16.33
N GLN B 6 11.86 -41.67 -15.79
CA GLN B 6 10.50 -41.81 -15.30
C GLN B 6 9.52 -41.26 -16.32
N SER B 7 8.33 -41.84 -16.34
CA SER B 7 7.26 -41.41 -17.22
C SER B 7 5.94 -41.72 -16.54
N PRO B 8 4.90 -40.91 -16.77
CA PRO B 8 5.02 -39.67 -17.53
C PRO B 8 5.59 -38.56 -16.65
N ALA B 9 5.80 -37.37 -17.21
CA ALA B 9 6.31 -36.27 -16.40
C ALA B 9 5.26 -35.84 -15.37
N THR B 10 4.00 -35.72 -15.79
CA THR B 10 2.91 -35.40 -14.89
C THR B 10 1.80 -36.39 -15.14
N LEU B 11 1.24 -36.94 -14.07
CA LEU B 11 0.15 -37.90 -14.15
C LEU B 11 -1.08 -37.29 -13.51
N SER B 12 -2.15 -37.13 -14.28
CA SER B 12 -3.39 -36.53 -13.78
C SER B 12 -4.39 -37.63 -13.47
N VAL B 13 -4.82 -37.70 -12.21
CA VAL B 13 -5.64 -38.81 -11.73
C VAL B 13 -6.79 -38.25 -10.90
N SER B 14 -7.99 -38.78 -11.11
CA SER B 14 -9.09 -38.39 -10.24
C SER B 14 -8.92 -39.03 -8.87
N PRO B 15 -9.36 -38.35 -7.80
CA PRO B 15 -9.26 -38.94 -6.47
C PRO B 15 -10.04 -40.25 -6.38
N GLY B 16 -9.38 -41.28 -5.89
CA GLY B 16 -9.93 -42.61 -5.81
C GLY B 16 -9.54 -43.52 -6.94
N GLU B 17 -9.04 -42.98 -8.05
CA GLU B 17 -8.62 -43.84 -9.14
C GLU B 17 -7.18 -44.31 -8.92
N ARG B 18 -6.73 -45.19 -9.80
CA ARG B 18 -5.40 -45.79 -9.71
C ARG B 18 -4.39 -44.95 -10.48
N ALA B 19 -3.17 -44.85 -9.95
CA ALA B 19 -2.07 -44.18 -10.63
C ALA B 19 -0.93 -45.18 -10.81
N THR B 20 -0.40 -45.27 -12.03
CA THR B 20 0.71 -46.16 -12.34
C THR B 20 1.85 -45.35 -12.91
N LEU B 21 2.98 -45.37 -12.21
CA LEU B 21 4.16 -44.60 -12.58
C LEU B 21 5.24 -45.58 -13.05
N SER B 22 5.94 -45.22 -14.12
CA SER B 22 6.96 -46.07 -14.70
C SER B 22 8.34 -45.49 -14.43
N CYS B 23 9.29 -46.40 -14.25
CA CYS B 23 10.70 -46.05 -14.07
C CYS B 23 11.50 -47.06 -14.86
N ARG B 24 12.36 -46.58 -15.75
CA ARG B 24 13.18 -47.45 -16.58
C ARG B 24 14.63 -47.19 -16.26
N ALA B 25 15.40 -48.26 -16.08
CA ALA B 25 16.85 -48.18 -15.93
C ALA B 25 17.51 -48.56 -17.24
N SER B 26 18.60 -47.87 -17.57
CA SER B 26 19.34 -48.14 -18.80
C SER B 26 20.04 -49.48 -18.79
N GLN B 27 20.18 -50.13 -17.64
CA GLN B 27 20.70 -51.49 -17.55
C GLN B 27 19.95 -52.22 -16.45
N SER B 28 20.16 -53.53 -16.36
CA SER B 28 19.46 -54.32 -15.36
C SER B 28 20.01 -54.03 -13.96
N VAL B 29 19.11 -53.80 -13.02
CA VAL B 29 19.48 -53.56 -11.63
C VAL B 29 18.72 -54.56 -10.77
N SER B 30 18.30 -55.66 -11.37
CA SER B 30 17.58 -56.72 -10.68
C SER B 30 16.40 -56.15 -9.89
N SER B 31 16.38 -56.38 -8.58
CA SER B 31 15.38 -55.80 -7.70
C SER B 31 15.92 -54.63 -6.88
N ASN B 32 17.06 -54.07 -7.29
CA ASN B 32 17.77 -53.05 -6.52
C ASN B 32 17.27 -51.65 -6.90
N LEU B 33 16.01 -51.40 -6.56
CA LEU B 33 15.37 -50.15 -6.94
C LEU B 33 14.54 -49.62 -5.77
N ALA B 34 14.62 -48.31 -5.53
CA ALA B 34 13.84 -47.67 -4.49
C ALA B 34 12.94 -46.59 -5.08
N TRP B 35 11.83 -46.32 -4.38
CA TRP B 35 10.92 -45.24 -4.71
C TRP B 35 10.79 -44.31 -3.51
N TYR B 36 10.71 -43.00 -3.80
CA TYR B 36 10.53 -41.95 -2.81
C TYR B 36 9.35 -41.06 -3.17
N GLN B 37 8.70 -40.53 -2.14
CA GLN B 37 7.62 -39.55 -2.27
C GLN B 37 8.10 -38.22 -1.70
N GLN B 38 7.87 -37.12 -2.41
CA GLN B 38 8.18 -35.78 -1.92
C GLN B 38 6.99 -34.86 -2.13
N LYS B 39 6.44 -34.41 -1.08
CA LYS B 39 5.39 -33.40 -1.05
C LYS B 39 6.02 -32.01 -1.03
N PRO B 40 5.33 -30.98 -1.53
CA PRO B 40 5.98 -29.67 -1.67
C PRO B 40 6.46 -29.12 -0.33
N GLY B 41 7.69 -28.59 -0.34
CA GLY B 41 8.30 -28.02 0.85
C GLY B 41 8.71 -29.02 1.91
N GLN B 42 8.62 -30.31 1.61
CA GLN B 42 8.97 -31.38 2.55
C GLN B 42 10.14 -32.18 1.99
N ALA B 43 10.83 -32.89 2.88
CA ALA B 43 11.87 -33.81 2.48
C ALA B 43 11.26 -35.07 1.85
N PRO B 44 11.98 -35.73 0.95
CA PRO B 44 11.51 -37.02 0.43
C PRO B 44 11.39 -38.03 1.55
N ARG B 45 10.54 -39.02 1.33
CA ARG B 45 10.54 -40.17 2.22
C ARG B 45 10.50 -41.46 1.42
N LEU B 46 11.10 -42.50 1.98
CA LEU B 46 11.17 -43.81 1.32
C LEU B 46 9.78 -44.43 1.29
N LEU B 47 9.36 -44.91 0.12
CA LEU B 47 8.14 -45.69 -0.02
C LEU B 47 8.44 -47.17 -0.17
N ILE B 48 9.36 -47.50 -1.06
CA ILE B 48 9.60 -48.86 -1.54
C ILE B 48 11.10 -49.06 -1.62
N TYR B 49 11.56 -50.23 -1.15
CA TYR B 49 12.94 -50.64 -1.37
C TYR B 49 12.95 -52.09 -1.84
N GLY B 50 14.04 -52.50 -2.47
CA GLY B 50 14.07 -53.82 -3.07
C GLY B 50 12.96 -54.02 -4.08
N ALA B 51 12.63 -52.97 -4.83
CA ALA B 51 11.62 -52.94 -5.89
C ALA B 51 10.18 -53.16 -5.41
N SER B 52 9.97 -53.98 -4.37
CA SER B 52 8.61 -54.34 -3.98
C SER B 52 8.34 -54.31 -2.48
N THR B 53 9.31 -53.97 -1.63
CA THR B 53 9.07 -53.98 -0.19
C THR B 53 8.66 -52.59 0.30
N ARG B 54 7.49 -52.50 0.92
CA ARG B 54 7.02 -51.24 1.46
C ARG B 54 7.73 -50.91 2.78
N ALA B 55 8.15 -49.65 2.90
CA ALA B 55 8.76 -49.18 4.13
C ALA B 55 7.72 -49.11 5.24
N THR B 56 8.21 -49.19 6.48
CA THR B 56 7.29 -49.19 7.61
C THR B 56 6.45 -47.92 7.65
N GLY B 57 5.16 -48.07 7.96
CA GLY B 57 4.28 -46.94 8.07
C GLY B 57 3.73 -46.43 6.75
N ILE B 58 4.20 -46.94 5.63
CA ILE B 58 3.67 -46.52 4.34
C ILE B 58 2.35 -47.24 4.10
N PRO B 59 1.29 -46.52 3.67
CA PRO B 59 -0.01 -47.17 3.46
C PRO B 59 0.07 -48.30 2.45
N ALA B 60 -0.84 -49.27 2.58
CA ALA B 60 -0.83 -50.45 1.72
C ALA B 60 -1.15 -50.11 0.27
N ARG B 61 -1.79 -48.97 0.02
CA ARG B 61 -2.16 -48.61 -1.35
C ARG B 61 -0.95 -48.30 -2.22
N PHE B 62 0.24 -48.14 -1.63
CA PHE B 62 1.46 -48.03 -2.41
C PHE B 62 2.06 -49.41 -2.61
N SER B 63 2.33 -49.78 -3.85
CA SER B 63 3.04 -51.03 -4.08
C SER B 63 3.99 -50.86 -5.25
N GLY B 64 5.17 -51.46 -5.12
CA GLY B 64 6.17 -51.44 -6.16
C GLY B 64 6.24 -52.78 -6.86
N SER B 65 6.62 -52.76 -8.13
CA SER B 65 6.76 -53.98 -8.90
C SER B 65 7.86 -53.77 -9.93
N GLY B 66 8.30 -54.88 -10.50
CA GLY B 66 9.27 -54.83 -11.57
C GLY B 66 10.59 -55.43 -11.18
N SER B 67 11.40 -55.68 -12.20
CA SER B 67 12.73 -56.26 -12.03
C SER B 67 13.48 -56.02 -13.32
N GLY B 68 14.80 -55.96 -13.22
CA GLY B 68 15.61 -55.72 -14.40
C GLY B 68 15.71 -54.26 -14.78
N THR B 69 14.96 -53.85 -15.80
CA THR B 69 15.03 -52.48 -16.31
C THR B 69 13.71 -51.73 -16.25
N GLU B 70 12.60 -52.40 -15.94
CA GLU B 70 11.28 -51.79 -15.99
C GLU B 70 10.62 -51.94 -14.64
N PHE B 71 10.28 -50.82 -14.02
CA PHE B 71 9.68 -50.81 -12.69
C PHE B 71 8.42 -49.96 -12.69
N THR B 72 7.55 -50.26 -11.73
CA THR B 72 6.25 -49.61 -11.62
C THR B 72 5.94 -49.33 -10.16
N LEU B 73 5.50 -48.10 -9.88
CA LEU B 73 4.85 -47.77 -8.61
C LEU B 73 3.35 -47.62 -8.87
N THR B 74 2.53 -48.38 -8.15
CA THR B 74 1.08 -48.34 -8.31
C THR B 74 0.46 -47.81 -7.03
N ILE B 75 -0.31 -46.74 -7.14
CA ILE B 75 -1.05 -46.18 -6.01
C ILE B 75 -2.53 -46.50 -6.24
N SER B 76 -3.07 -47.42 -5.45
CA SER B 76 -4.28 -48.13 -5.85
C SER B 76 -5.55 -47.30 -5.71
N SER B 77 -5.58 -46.28 -4.85
CA SER B 77 -6.75 -45.42 -4.76
C SER B 77 -6.31 -44.09 -4.17
N LEU B 78 -6.01 -43.13 -5.05
CA LEU B 78 -5.38 -41.87 -4.68
C LEU B 78 -6.16 -41.15 -3.57
N GLN B 79 -5.57 -41.08 -2.38
CA GLN B 79 -6.08 -40.22 -1.33
C GLN B 79 -5.43 -38.84 -1.43
N SER B 80 -6.07 -37.86 -0.78
CA SER B 80 -5.66 -36.47 -0.96
C SER B 80 -4.18 -36.27 -0.64
N GLU B 81 -3.68 -36.95 0.39
CA GLU B 81 -2.27 -36.81 0.76
C GLU B 81 -1.33 -37.33 -0.32
N ASP B 82 -1.83 -38.22 -1.20
CA ASP B 82 -0.99 -38.95 -2.13
C ASP B 82 -0.56 -38.13 -3.34
N PHE B 83 -1.11 -36.95 -3.53
CA PHE B 83 -0.70 -36.14 -4.67
C PHE B 83 0.62 -35.46 -4.30
N ALA B 84 1.66 -35.76 -5.06
CA ALA B 84 3.04 -35.41 -4.70
C ALA B 84 3.94 -35.75 -5.88
N VAL B 85 5.25 -35.56 -5.70
CA VAL B 85 6.23 -35.94 -6.69
C VAL B 85 6.88 -37.24 -6.25
N TYR B 86 7.11 -38.14 -7.19
CA TYR B 86 7.66 -39.47 -6.92
C TYR B 86 8.93 -39.68 -7.72
N TYR B 87 10.00 -40.10 -7.04
CA TYR B 87 11.31 -40.35 -7.62
C TYR B 87 11.68 -41.81 -7.48
N CYS B 88 12.29 -42.37 -8.51
CA CYS B 88 12.93 -43.68 -8.40
C CYS B 88 14.43 -43.50 -8.33
N GLN B 89 15.10 -44.53 -7.79
CA GLN B 89 16.54 -44.49 -7.57
C GLN B 89 17.09 -45.91 -7.65
N GLN B 90 18.09 -46.14 -8.50
CA GLN B 90 18.68 -47.46 -8.56
C GLN B 90 19.67 -47.65 -7.40
N CYS B 91 19.58 -48.82 -6.76
CA CYS B 91 20.45 -49.15 -5.62
C CYS B 91 21.38 -50.28 -6.00
N ASP B 92 22.04 -50.14 -7.14
CA ASP B 92 22.84 -51.20 -7.76
C ASP B 92 24.21 -50.71 -8.21
N ASN B 93 24.29 -49.49 -8.75
CA ASN B 93 25.51 -48.92 -9.29
C ASN B 93 26.08 -47.87 -8.34
N TRP B 94 27.40 -47.71 -8.37
CA TRP B 94 28.05 -46.94 -7.31
C TRP B 94 28.04 -45.43 -7.51
N PRO B 95 27.69 -44.90 -8.67
CA PRO B 95 27.12 -43.54 -8.71
C PRO B 95 25.61 -43.63 -8.57
N PRO B 96 25.05 -43.39 -7.38
CA PRO B 96 23.59 -43.47 -7.22
C PRO B 96 22.91 -42.45 -8.12
N THR B 97 21.85 -42.88 -8.78
CA THR B 97 21.17 -41.98 -9.70
C THR B 97 19.67 -42.08 -9.50
N PHE B 98 19.01 -40.95 -9.65
CA PHE B 98 17.57 -40.80 -9.49
C PHE B 98 16.94 -40.54 -10.85
N GLY B 99 15.69 -40.95 -10.99
CA GLY B 99 14.86 -40.43 -12.07
C GLY B 99 14.59 -38.95 -11.85
N GLN B 100 14.04 -38.31 -12.87
CA GLN B 100 13.76 -36.89 -12.76
C GLN B 100 12.40 -36.60 -12.13
N GLY B 101 11.65 -37.63 -11.76
CA GLY B 101 10.44 -37.41 -11.00
C GLY B 101 9.19 -37.44 -11.86
N THR B 102 8.11 -37.92 -11.26
CA THR B 102 6.76 -37.87 -11.83
C THR B 102 5.88 -37.12 -10.84
N LYS B 103 5.23 -36.05 -11.30
CA LYS B 103 4.27 -35.33 -10.46
C LYS B 103 2.89 -35.95 -10.63
N VAL B 104 2.26 -36.32 -9.53
CA VAL B 104 0.90 -36.85 -9.54
C VAL B 104 -0.03 -35.77 -9.04
N GLU B 105 -0.95 -35.33 -9.89
CA GLU B 105 -1.83 -34.21 -9.57
C GLU B 105 -3.27 -34.65 -9.70
N ILE B 106 -4.16 -33.87 -9.09
CA ILE B 106 -5.60 -34.14 -9.12
C ILE B 106 -6.15 -33.73 -10.47
N LYS B 107 -6.88 -34.64 -11.11
CA LYS B 107 -7.63 -34.30 -12.30
C LYS B 107 -8.97 -33.73 -11.88
N ARG B 108 -9.37 -32.62 -12.50
CA ARG B 108 -10.68 -32.03 -12.28
C ARG B 108 -11.17 -31.47 -13.61
N THR B 109 -12.38 -30.90 -13.59
CA THR B 109 -12.92 -30.31 -14.81
C THR B 109 -12.14 -29.05 -15.18
N VAL B 110 -12.16 -28.73 -16.47
CA VAL B 110 -11.48 -27.53 -16.97
C VAL B 110 -12.07 -26.30 -16.29
N ALA B 111 -11.20 -25.40 -15.84
CA ALA B 111 -11.61 -24.16 -15.20
C ALA B 111 -10.81 -23.02 -15.78
N ALA B 112 -11.51 -22.05 -16.37
CA ALA B 112 -10.82 -20.90 -16.94
C ALA B 112 -10.29 -19.98 -15.85
N PRO B 113 -9.16 -19.33 -16.08
CA PRO B 113 -8.66 -18.37 -15.11
C PRO B 113 -9.44 -17.06 -15.13
N SER B 114 -9.54 -16.44 -13.96
CA SER B 114 -9.86 -15.02 -13.91
C SER B 114 -8.55 -14.25 -13.96
N VAL B 115 -8.51 -13.21 -14.79
CA VAL B 115 -7.28 -12.51 -15.14
C VAL B 115 -7.34 -11.08 -14.63
N PHE B 116 -6.24 -10.63 -14.04
CA PHE B 116 -6.11 -9.27 -13.51
C PHE B 116 -4.76 -8.72 -13.92
N ILE B 117 -4.71 -7.43 -14.23
CA ILE B 117 -3.46 -6.74 -14.52
C ILE B 117 -3.27 -5.62 -13.51
N PHE B 118 -2.01 -5.42 -13.08
CA PHE B 118 -1.68 -4.45 -12.05
C PHE B 118 -0.60 -3.52 -12.59
N PRO B 119 -0.82 -2.22 -12.61
CA PRO B 119 0.23 -1.28 -13.00
C PRO B 119 1.29 -1.17 -11.91
N PRO B 120 2.47 -0.63 -12.23
CA PRO B 120 3.44 -0.34 -11.19
C PRO B 120 2.97 0.79 -10.30
N SER B 121 3.32 0.69 -9.03
CA SER B 121 2.97 1.72 -8.06
C SER B 121 3.81 2.98 -8.28
N ASP B 122 3.23 4.13 -7.93
CA ASP B 122 4.02 5.37 -7.96
C ASP B 122 5.24 5.25 -7.05
N GLU B 123 5.11 4.53 -5.94
CA GLU B 123 6.24 4.36 -5.03
C GLU B 123 7.41 3.66 -5.73
N GLN B 124 7.12 2.55 -6.41
CA GLN B 124 8.19 1.85 -7.12
C GLN B 124 8.77 2.70 -8.23
N LEU B 125 7.92 3.43 -8.95
CA LEU B 125 8.43 4.28 -10.04
C LEU B 125 9.43 5.30 -9.54
N LYS B 126 9.29 5.76 -8.29
CA LYS B 126 10.23 6.74 -7.76
C LYS B 126 11.66 6.21 -7.74
N SER B 127 11.87 4.91 -7.67
CA SER B 127 13.21 4.34 -7.64
C SER B 127 13.69 3.86 -9.01
N GLY B 128 12.94 4.11 -10.08
CA GLY B 128 13.47 3.97 -11.42
C GLY B 128 13.14 2.68 -12.14
N THR B 129 12.38 1.78 -11.52
CA THR B 129 11.95 0.53 -12.16
C THR B 129 10.43 0.46 -12.13
N ALA B 130 9.87 -0.22 -13.13
CA ALA B 130 8.43 -0.47 -13.20
C ALA B 130 8.20 -1.97 -13.29
N SER B 131 7.43 -2.52 -12.35
CA SER B 131 6.97 -3.90 -12.45
C SER B 131 5.48 -3.88 -12.77
N VAL B 132 5.10 -4.55 -13.85
CA VAL B 132 3.71 -4.76 -14.23
C VAL B 132 3.39 -6.23 -14.00
N VAL B 133 2.28 -6.51 -13.32
CA VAL B 133 2.00 -7.87 -12.86
C VAL B 133 0.69 -8.36 -13.46
N CYS B 134 0.69 -9.58 -13.97
CA CYS B 134 -0.52 -10.21 -14.49
C CYS B 134 -0.82 -11.44 -13.64
N LEU B 135 -2.07 -11.57 -13.21
CA LEU B 135 -2.51 -12.65 -12.34
C LEU B 135 -3.54 -13.49 -13.07
N LEU B 136 -3.29 -14.80 -13.11
CA LEU B 136 -4.23 -15.79 -13.63
C LEU B 136 -4.67 -16.61 -12.42
N ASN B 137 -5.95 -16.51 -12.06
CA ASN B 137 -6.41 -17.02 -10.78
C ASN B 137 -7.30 -18.24 -10.96
N ASN B 138 -6.94 -19.34 -10.29
CA ASN B 138 -7.77 -20.53 -10.11
C ASN B 138 -8.23 -21.13 -11.44
N PHE B 139 -7.26 -21.66 -12.17
CA PHE B 139 -7.51 -22.32 -13.45
C PHE B 139 -7.05 -23.77 -13.42
N TYR B 140 -7.56 -24.56 -14.37
CA TYR B 140 -7.15 -25.95 -14.55
C TYR B 140 -7.45 -26.34 -15.99
N PRO B 141 -6.56 -27.08 -16.68
CA PRO B 141 -5.28 -27.62 -16.23
C PRO B 141 -4.19 -26.56 -16.14
N ARG B 142 -2.98 -27.02 -15.76
CA ARG B 142 -1.91 -26.08 -15.44
C ARG B 142 -1.40 -25.34 -16.66
N GLU B 143 -1.49 -25.94 -17.85
CA GLU B 143 -0.93 -25.32 -19.05
C GLU B 143 -1.63 -24.01 -19.35
N ALA B 144 -0.85 -22.93 -19.44
CA ALA B 144 -1.40 -21.63 -19.76
C ALA B 144 -0.29 -20.82 -20.41
N LYS B 145 -0.69 -19.83 -21.22
CA LYS B 145 0.27 -18.95 -21.88
C LYS B 145 -0.08 -17.51 -21.60
N VAL B 146 0.89 -16.74 -21.12
CA VAL B 146 0.76 -15.30 -20.92
C VAL B 146 1.63 -14.60 -21.94
N GLN B 147 1.06 -13.67 -22.69
CA GLN B 147 1.84 -12.79 -23.57
C GLN B 147 1.65 -11.34 -23.14
N TRP B 148 2.77 -10.66 -22.92
CA TRP B 148 2.79 -9.23 -22.61
C TRP B 148 2.89 -8.43 -23.89
N LYS B 149 2.08 -7.38 -24.01
CA LYS B 149 2.19 -6.45 -25.12
C LYS B 149 2.25 -5.04 -24.56
N VAL B 150 3.14 -4.22 -25.10
CA VAL B 150 3.28 -2.82 -24.71
C VAL B 150 3.13 -2.01 -26.00
N ASP B 151 2.04 -1.26 -26.11
CA ASP B 151 1.66 -0.60 -27.36
C ASP B 151 1.75 -1.58 -28.53
N ASN B 152 1.16 -2.76 -28.33
CA ASN B 152 1.06 -3.84 -29.31
C ASN B 152 2.38 -4.52 -29.62
N ALA B 153 3.46 -4.20 -28.90
CA ALA B 153 4.74 -4.86 -29.10
C ALA B 153 4.83 -6.05 -28.16
N LEU B 154 4.96 -7.25 -28.73
CA LEU B 154 5.11 -8.46 -27.93
C LEU B 154 6.42 -8.43 -27.17
N GLN B 155 6.36 -8.63 -25.85
CA GLN B 155 7.55 -8.58 -24.99
C GLN B 155 8.15 -9.98 -24.89
N SER B 156 9.43 -10.10 -25.22
CA SER B 156 10.13 -11.38 -25.16
C SER B 156 11.43 -11.19 -24.38
N GLY B 157 11.57 -11.92 -23.28
CA GLY B 157 12.78 -11.85 -22.48
C GLY B 157 12.73 -10.88 -21.32
N ASN B 158 11.60 -10.18 -21.14
CA ASN B 158 11.43 -9.14 -20.12
C ASN B 158 10.55 -9.58 -18.96
N SER B 159 10.17 -10.85 -18.88
CA SER B 159 9.20 -11.26 -17.88
C SER B 159 9.64 -12.56 -17.21
N GLN B 160 9.17 -12.75 -15.99
CA GLN B 160 9.34 -14.01 -15.26
C GLN B 160 8.00 -14.38 -14.65
N GLU B 161 7.76 -15.68 -14.50
CA GLU B 161 6.50 -16.12 -13.92
C GLU B 161 6.72 -17.27 -12.97
N SER B 162 5.72 -17.51 -12.12
CA SER B 162 5.73 -18.72 -11.30
C SER B 162 4.30 -19.09 -11.01
N VAL B 163 4.13 -20.31 -10.51
CA VAL B 163 2.83 -20.96 -10.41
C VAL B 163 2.71 -21.59 -9.04
N THR B 164 1.52 -21.49 -8.44
CA THR B 164 1.29 -22.08 -7.13
C THR B 164 1.18 -23.60 -7.22
N GLU B 165 1.32 -24.25 -6.07
CA GLU B 165 0.98 -25.66 -6.00
C GLU B 165 -0.53 -25.85 -6.14
N GLN B 166 -0.92 -27.05 -6.55
CA GLN B 166 -2.33 -27.32 -6.76
C GLN B 166 -3.11 -27.05 -5.46
N ASP B 167 -4.22 -26.33 -5.58
CA ASP B 167 -4.95 -25.91 -4.40
C ASP B 167 -5.63 -27.10 -3.71
N SER B 168 -5.54 -27.13 -2.38
CA SER B 168 -6.12 -28.25 -1.64
C SER B 168 -7.64 -28.27 -1.73
N LYS B 169 -8.27 -27.10 -1.88
CA LYS B 169 -9.73 -27.05 -1.87
C LYS B 169 -10.33 -27.33 -3.25
N ASP B 170 -9.95 -26.55 -4.26
CA ASP B 170 -10.58 -26.66 -5.57
C ASP B 170 -9.69 -27.24 -6.66
N SER B 171 -8.47 -27.69 -6.33
CA SER B 171 -7.60 -28.41 -7.26
C SER B 171 -7.16 -27.56 -8.44
N THR B 172 -7.15 -26.24 -8.29
CA THR B 172 -6.77 -25.35 -9.38
C THR B 172 -5.35 -24.84 -9.15
N TYR B 173 -4.83 -24.20 -10.20
CA TYR B 173 -3.54 -23.53 -10.17
C TYR B 173 -3.76 -22.03 -10.28
N SER B 174 -2.77 -21.27 -9.84
CA SER B 174 -2.75 -19.84 -10.11
C SER B 174 -1.35 -19.48 -10.58
N LEU B 175 -1.26 -18.41 -11.37
CA LEU B 175 0.01 -18.01 -11.98
C LEU B 175 0.16 -16.50 -11.89
N SER B 176 1.40 -16.06 -11.62
CA SER B 176 1.73 -14.64 -11.54
C SER B 176 2.88 -14.40 -12.51
N SER B 177 2.73 -13.42 -13.40
CA SER B 177 3.79 -13.02 -14.32
C SER B 177 4.14 -11.56 -14.09
N THR B 178 5.44 -11.27 -13.99
CA THR B 178 5.93 -9.90 -13.79
C THR B 178 6.71 -9.47 -15.02
N LEU B 179 6.30 -8.34 -15.60
CA LEU B 179 7.01 -7.66 -16.67
C LEU B 179 7.82 -6.51 -16.08
N THR B 180 9.11 -6.46 -16.37
CA THR B 180 9.97 -5.44 -15.80
C THR B 180 10.45 -4.49 -16.90
N LEU B 181 10.25 -3.19 -16.67
CA LEU B 181 10.72 -2.12 -17.54
C LEU B 181 11.40 -1.06 -16.70
N SER B 182 12.32 -0.30 -17.31
CA SER B 182 12.82 0.88 -16.63
C SER B 182 11.70 1.93 -16.54
N LYS B 183 11.84 2.83 -15.56
CA LYS B 183 10.90 3.95 -15.46
C LYS B 183 10.84 4.74 -16.76
N ALA B 184 12.00 5.05 -17.34
CA ALA B 184 12.04 5.83 -18.57
C ALA B 184 11.31 5.11 -19.70
N ASP B 185 11.49 3.79 -19.80
CA ASP B 185 10.77 3.01 -20.79
C ASP B 185 9.28 2.95 -20.50
N TYR B 186 8.92 2.75 -19.23
CA TYR B 186 7.51 2.66 -18.88
C TYR B 186 6.75 3.93 -19.28
N GLU B 187 7.38 5.09 -19.08
CA GLU B 187 6.76 6.36 -19.40
C GLU B 187 6.78 6.69 -20.89
N LYS B 188 7.44 5.88 -21.72
CA LYS B 188 7.40 6.08 -23.16
C LYS B 188 6.15 5.51 -23.82
N HIS B 189 5.43 4.61 -23.15
CA HIS B 189 4.34 3.88 -23.78
C HIS B 189 3.05 4.09 -23.00
N LYS B 190 1.92 3.75 -23.64
CA LYS B 190 0.61 3.97 -23.06
C LYS B 190 -0.11 2.68 -22.70
N VAL B 191 -0.32 1.77 -23.64
CA VAL B 191 -1.17 0.62 -23.43
C VAL B 191 -0.33 -0.58 -22.99
N TYR B 192 -0.65 -1.10 -21.80
CA TYR B 192 0.00 -2.28 -21.23
C TYR B 192 -1.04 -3.40 -21.13
N ALA B 193 -0.76 -4.53 -21.79
CA ALA B 193 -1.75 -5.60 -21.88
C ALA B 193 -1.12 -6.97 -21.61
N CYS B 194 -1.84 -7.82 -20.89
CA CYS B 194 -1.47 -9.23 -20.85
C CYS B 194 -2.60 -10.04 -21.49
N GLU B 195 -2.22 -10.92 -22.40
CA GLU B 195 -3.15 -11.76 -23.14
C GLU B 195 -2.96 -13.20 -22.68
N VAL B 196 -4.06 -13.86 -22.33
CA VAL B 196 -4.02 -15.16 -21.67
C VAL B 196 -4.68 -16.20 -22.57
N THR B 197 -3.94 -17.26 -22.88
CA THR B 197 -4.46 -18.41 -23.60
C THR B 197 -4.60 -19.59 -22.65
N HIS B 198 -5.75 -20.25 -22.69
CA HIS B 198 -6.02 -21.38 -21.80
C HIS B 198 -7.14 -22.21 -22.38
N GLN B 199 -7.10 -23.51 -22.11
CA GLN B 199 -8.13 -24.43 -22.63
C GLN B 199 -9.55 -24.03 -22.20
N GLY B 200 -9.70 -23.39 -21.05
CA GLY B 200 -11.00 -22.97 -20.57
C GLY B 200 -11.58 -21.74 -21.25
N LEU B 201 -10.79 -21.08 -22.07
CA LEU B 201 -11.18 -19.83 -22.73
C LEU B 201 -11.38 -20.11 -24.21
N SER B 202 -12.56 -19.74 -24.72
CA SER B 202 -12.87 -19.98 -26.13
C SER B 202 -11.92 -19.21 -27.04
N SER B 203 -11.51 -18.02 -26.64
CA SER B 203 -10.51 -17.21 -27.32
C SER B 203 -9.69 -16.48 -26.27
N PRO B 204 -8.47 -16.06 -26.61
CA PRO B 204 -7.61 -15.41 -25.61
C PRO B 204 -8.28 -14.19 -24.97
N VAL B 205 -8.07 -14.06 -23.66
CA VAL B 205 -8.59 -12.91 -22.92
C VAL B 205 -7.44 -11.93 -22.69
N THR B 206 -7.74 -10.65 -22.86
CA THR B 206 -6.77 -9.58 -22.64
C THR B 206 -7.28 -8.66 -21.55
N LYS B 207 -6.41 -8.37 -20.58
CA LYS B 207 -6.62 -7.33 -19.59
C LYS B 207 -5.56 -6.25 -19.81
N SER B 208 -5.96 -4.99 -19.76
CA SER B 208 -5.03 -3.93 -20.06
C SER B 208 -5.34 -2.69 -19.23
N PHE B 209 -4.38 -1.77 -19.20
CA PHE B 209 -4.59 -0.43 -18.68
C PHE B 209 -3.80 0.54 -19.55
N ASN B 210 -4.20 1.80 -19.51
CA ASN B 210 -3.45 2.89 -20.12
C ASN B 210 -2.77 3.68 -19.02
N ARG B 211 -1.45 3.82 -19.11
CA ARG B 211 -0.62 4.41 -18.07
C ARG B 211 -1.13 5.77 -17.57
N GLU C 1 -20.08 47.96 9.95
CA GLU C 1 -20.22 48.55 8.62
C GLU C 1 -21.13 47.69 7.75
N VAL C 2 -20.69 47.35 6.54
CA VAL C 2 -21.45 46.43 5.69
C VAL C 2 -21.23 45.01 6.19
N GLN C 3 -22.33 44.25 6.33
CA GLN C 3 -22.22 42.87 6.79
C GLN C 3 -23.13 42.00 5.94
N LEU C 4 -22.62 40.87 5.49
CA LEU C 4 -23.38 39.85 4.78
C LEU C 4 -23.24 38.54 5.55
N VAL C 5 -24.37 37.92 5.90
CA VAL C 5 -24.36 36.70 6.70
C VAL C 5 -25.16 35.65 5.96
N GLU C 6 -24.48 34.61 5.47
CA GLU C 6 -25.17 33.51 4.80
C GLU C 6 -25.71 32.49 5.78
N SER C 7 -26.82 31.85 5.41
CA SER C 7 -27.31 30.71 6.19
C SER C 7 -28.02 29.73 5.25
N GLY C 8 -28.25 28.53 5.77
CA GLY C 8 -29.05 27.52 5.10
C GLY C 8 -28.24 26.36 4.52
N GLY C 9 -26.92 26.43 4.52
CA GLY C 9 -26.14 25.34 3.98
C GLY C 9 -26.22 24.11 4.85
N GLY C 10 -26.05 22.96 4.23
CA GLY C 10 -26.02 21.72 4.98
C GLY C 10 -25.95 20.54 4.03
N LEU C 11 -26.26 19.36 4.57
CA LEU C 11 -26.28 18.14 3.78
C LEU C 11 -27.60 18.02 3.03
N VAL C 12 -27.51 17.71 1.74
CA VAL C 12 -28.69 17.50 0.90
C VAL C 12 -28.38 16.39 -0.11
N GLN C 13 -29.44 15.64 -0.51
CA GLN C 13 -29.12 14.53 -1.38
C GLN C 13 -29.18 14.95 -2.84
N PRO C 14 -28.48 14.22 -3.71
CA PRO C 14 -28.53 14.55 -5.13
C PRO C 14 -29.96 14.48 -5.64
N GLY C 15 -30.30 15.39 -6.53
CA GLY C 15 -31.68 15.53 -6.96
C GLY C 15 -32.61 16.17 -5.95
N GLY C 16 -32.09 16.63 -4.80
CA GLY C 16 -32.88 17.33 -3.81
C GLY C 16 -32.89 18.82 -4.08
N SER C 17 -33.31 19.58 -3.08
CA SER C 17 -33.29 21.04 -3.19
C SER C 17 -32.88 21.66 -1.85
N LEU C 18 -32.39 22.90 -1.93
CA LEU C 18 -31.93 23.61 -0.74
C LEU C 18 -31.98 25.10 -1.03
N ARG C 19 -32.39 25.90 -0.04
CA ARG C 19 -32.42 27.35 -0.17
C ARG C 19 -31.36 27.97 0.73
N LEU C 20 -30.49 28.78 0.15
CA LEU C 20 -29.54 29.58 0.89
C LEU C 20 -30.07 30.99 1.04
N SER C 21 -29.76 31.62 2.17
CA SER C 21 -30.16 33.00 2.43
C SER C 21 -28.93 33.82 2.79
N CYS C 22 -29.03 35.12 2.57
CA CYS C 22 -27.93 36.05 2.86
C CYS C 22 -28.55 37.32 3.42
N SER C 23 -28.27 37.61 4.67
CA SER C 23 -28.80 38.79 5.34
C SER C 23 -27.82 39.95 5.18
N ALA C 24 -28.29 41.05 4.61
CA ALA C 24 -27.47 42.22 4.32
C ALA C 24 -27.81 43.35 5.28
N SER C 25 -26.78 44.07 5.73
CA SER C 25 -27.00 45.22 6.59
C SER C 25 -25.86 46.20 6.41
N GLY C 26 -26.10 47.45 6.81
CA GLY C 26 -25.09 48.48 6.73
C GLY C 26 -24.97 49.20 5.41
N PHE C 27 -25.88 48.94 4.46
CA PHE C 27 -25.90 49.67 3.20
C PHE C 27 -27.32 49.64 2.66
N THR C 28 -27.58 50.51 1.69
CA THR C 28 -28.91 50.56 1.06
C THR C 28 -29.00 49.43 0.06
N PHE C 29 -29.58 48.31 0.51
CA PHE C 29 -29.47 47.03 -0.20
C PHE C 29 -30.02 47.11 -1.62
N SER C 30 -31.19 47.75 -1.78
CA SER C 30 -31.83 47.81 -3.10
C SER C 30 -31.04 48.65 -4.11
N ASN C 31 -30.01 49.37 -3.68
CA ASN C 31 -29.21 50.13 -4.63
C ASN C 31 -28.15 49.29 -5.33
N TYR C 32 -27.96 48.04 -4.95
CA TYR C 32 -26.76 47.31 -5.35
C TYR C 32 -27.10 45.99 -6.00
N ALA C 33 -26.49 45.71 -7.14
CA ALA C 33 -26.42 44.33 -7.61
C ALA C 33 -25.79 43.44 -6.55
N MET C 34 -26.22 42.19 -6.50
CA MET C 34 -25.69 41.19 -5.60
C MET C 34 -25.33 39.95 -6.41
N HIS C 35 -24.42 39.13 -5.86
CA HIS C 35 -23.95 37.94 -6.57
C HIS C 35 -23.72 36.79 -5.59
N TRP C 36 -23.70 35.58 -6.13
CA TRP C 36 -23.21 34.40 -5.44
C TRP C 36 -21.94 33.89 -6.14
N VAL C 37 -20.95 33.49 -5.33
CA VAL C 37 -19.73 32.84 -5.76
C VAL C 37 -19.55 31.59 -4.91
N ARG C 38 -19.02 30.51 -5.48
CA ARG C 38 -18.78 29.30 -4.69
C ARG C 38 -17.34 28.81 -4.81
N GLN C 39 -16.96 27.93 -3.89
CA GLN C 39 -15.60 27.41 -3.80
C GLN C 39 -15.68 25.96 -3.33
N ALA C 40 -15.41 25.04 -4.22
CA ALA C 40 -15.37 23.65 -3.82
C ALA C 40 -14.19 23.43 -2.88
N PRO C 41 -14.30 22.49 -1.94
CA PRO C 41 -13.23 22.30 -0.94
C PRO C 41 -11.88 22.08 -1.62
N GLY C 42 -10.90 22.89 -1.22
CA GLY C 42 -9.56 22.82 -1.76
C GLY C 42 -9.39 23.34 -3.18
N LYS C 43 -10.38 24.02 -3.74
CA LYS C 43 -10.35 24.46 -5.12
C LYS C 43 -10.46 25.98 -5.17
N GLY C 44 -10.52 26.53 -6.38
CA GLY C 44 -10.57 27.97 -6.59
C GLY C 44 -12.00 28.50 -6.56
N LEU C 45 -12.14 29.77 -6.92
CA LEU C 45 -13.43 30.45 -6.87
C LEU C 45 -14.18 30.30 -8.18
N GLU C 46 -15.49 30.05 -8.10
CA GLU C 46 -16.35 29.88 -9.26
C GLU C 46 -17.57 30.78 -9.13
N TYR C 47 -17.73 31.70 -10.08
CA TYR C 47 -18.90 32.57 -10.11
C TYR C 47 -20.16 31.75 -10.33
N VAL C 48 -21.24 32.13 -9.64
CA VAL C 48 -22.52 31.39 -9.71
C VAL C 48 -23.65 32.19 -10.37
N SER C 49 -23.96 33.39 -9.85
CA SER C 49 -25.18 34.07 -10.29
C SER C 49 -25.14 35.56 -9.93
N ALA C 50 -25.83 36.37 -10.72
CA ALA C 50 -26.02 37.80 -10.45
C ALA C 50 -27.51 38.14 -10.37
N ILE C 51 -27.83 39.20 -9.62
CA ILE C 51 -29.18 39.77 -9.66
C ILE C 51 -29.06 41.28 -9.57
N SER C 52 -29.84 41.98 -10.38
CA SER C 52 -29.79 43.44 -10.37
C SER C 52 -30.44 43.97 -9.10
N GLY C 53 -30.25 45.28 -8.87
CA GLY C 53 -30.77 45.90 -7.65
C GLY C 53 -32.26 45.66 -7.44
N ASN C 54 -33.05 45.83 -8.48
CA ASN C 54 -34.50 45.69 -8.34
C ASN C 54 -35.00 44.28 -8.68
N GLY C 55 -34.08 43.33 -8.87
CA GLY C 55 -34.41 41.95 -9.20
C GLY C 55 -34.88 41.68 -10.62
N GLY C 56 -34.93 42.70 -11.49
CA GLY C 56 -35.42 42.56 -12.84
C GLY C 56 -34.49 41.85 -13.81
N ASN C 57 -33.18 41.80 -13.50
CA ASN C 57 -32.20 41.09 -14.34
C ASN C 57 -31.52 40.04 -13.49
N THR C 58 -31.39 38.84 -14.04
CA THR C 58 -30.65 37.78 -13.39
C THR C 58 -29.71 37.14 -14.41
N TYR C 59 -28.66 36.52 -13.90
CA TYR C 59 -27.69 35.83 -14.73
C TYR C 59 -27.21 34.58 -14.01
N TYR C 60 -26.99 33.51 -14.78
CA TYR C 60 -26.49 32.26 -14.23
C TYR C 60 -25.30 31.75 -15.03
N ALA C 61 -24.26 31.29 -14.33
CA ALA C 61 -23.20 30.57 -15.02
C ALA C 61 -23.77 29.29 -15.61
N ASP C 62 -23.19 28.86 -16.74
CA ASP C 62 -23.68 27.66 -17.41
C ASP C 62 -23.75 26.46 -16.47
N SER C 63 -22.80 26.37 -15.51
CA SER C 63 -22.76 25.23 -14.62
C SER C 63 -24.01 25.06 -13.77
N VAL C 64 -24.76 26.13 -13.51
CA VAL C 64 -25.94 26.07 -12.65
C VAL C 64 -27.21 26.52 -13.35
N LYS C 65 -27.10 27.06 -14.57
CA LYS C 65 -28.26 27.57 -15.27
C LYS C 65 -29.27 26.45 -15.50
N GLY C 66 -30.54 26.77 -15.29
CA GLY C 66 -31.61 25.79 -15.35
C GLY C 66 -31.81 24.97 -14.10
N ARG C 67 -30.92 25.09 -13.11
CA ARG C 67 -31.04 24.38 -11.84
C ARG C 67 -31.14 25.31 -10.64
N PHE C 68 -30.32 26.36 -10.58
CA PHE C 68 -30.38 27.30 -9.47
C PHE C 68 -31.15 28.54 -9.90
N SER C 69 -31.74 29.22 -8.92
CA SER C 69 -32.39 30.49 -9.21
C SER C 69 -32.08 31.47 -8.08
N ILE C 70 -31.86 32.73 -8.47
CA ILE C 70 -31.47 33.79 -7.55
C ILE C 70 -32.68 34.72 -7.38
N SER C 71 -32.87 35.24 -6.17
CA SER C 71 -33.93 36.20 -5.91
C SER C 71 -33.53 37.06 -4.72
N ARG C 72 -34.27 38.15 -4.53
CA ARG C 72 -33.98 39.06 -3.43
C ARG C 72 -35.27 39.66 -2.91
N ASP C 73 -35.28 39.92 -1.61
CA ASP C 73 -36.38 40.61 -0.94
C ASP C 73 -35.83 41.93 -0.45
N ASN C 74 -36.09 43.00 -1.20
CA ASN C 74 -35.53 44.30 -0.84
C ASN C 74 -36.19 44.90 0.39
N SER C 75 -37.39 44.45 0.76
CA SER C 75 -38.01 44.94 1.99
C SER C 75 -37.42 44.30 3.25
N LYS C 76 -36.79 43.15 3.12
CA LYS C 76 -36.17 42.46 4.25
C LYS C 76 -34.66 42.41 4.12
N ASN C 77 -34.09 42.99 3.06
CA ASN C 77 -32.64 43.05 2.88
C ASN C 77 -32.02 41.65 2.88
N THR C 78 -32.60 40.76 2.06
CA THR C 78 -32.16 39.38 2.01
C THR C 78 -32.00 38.97 0.55
N LEU C 79 -30.90 38.26 0.27
CA LEU C 79 -30.64 37.62 -1.01
C LEU C 79 -30.82 36.11 -0.85
N PHE C 80 -31.26 35.45 -1.90
CA PHE C 80 -31.50 34.00 -1.83
C PHE C 80 -30.88 33.28 -3.02
N LEU C 81 -30.49 32.03 -2.78
CA LEU C 81 -30.10 31.10 -3.85
C LEU C 81 -30.90 29.82 -3.65
N GLN C 82 -31.83 29.56 -4.55
CA GLN C 82 -32.58 28.31 -4.53
C GLN C 82 -31.84 27.28 -5.36
N MET C 83 -31.48 26.15 -4.76
CA MET C 83 -30.76 25.09 -5.43
C MET C 83 -31.71 23.94 -5.74
N SER C 84 -31.71 23.47 -6.98
CA SER C 84 -32.53 22.34 -7.38
C SER C 84 -31.70 21.49 -8.35
N SER C 85 -32.21 20.30 -8.68
CA SER C 85 -31.49 19.38 -9.55
C SER C 85 -30.04 19.22 -9.09
N LEU C 86 -29.87 19.02 -7.78
CA LEU C 86 -28.54 19.11 -7.18
C LEU C 86 -27.64 17.95 -7.61
N LYS C 87 -26.35 18.24 -7.72
CA LYS C 87 -25.35 17.28 -8.15
C LYS C 87 -24.24 17.27 -7.11
N THR C 88 -23.55 16.13 -6.97
CA THR C 88 -22.45 16.05 -6.02
C THR C 88 -21.44 17.18 -6.28
N GLU C 89 -21.20 17.51 -7.54
CA GLU C 89 -20.24 18.55 -7.89
C GLU C 89 -20.69 19.95 -7.46
N ASP C 90 -21.93 20.11 -6.95
CA ASP C 90 -22.36 21.37 -6.35
C ASP C 90 -21.85 21.55 -4.92
N THR C 91 -21.18 20.55 -4.35
CA THR C 91 -20.62 20.64 -3.01
C THR C 91 -19.60 21.78 -2.95
N ALA C 92 -19.84 22.74 -2.07
CA ALA C 92 -19.01 23.95 -2.05
C ALA C 92 -19.42 24.83 -0.89
N VAL C 93 -18.50 25.74 -0.52
CA VAL C 93 -18.88 26.88 0.29
C VAL C 93 -19.47 27.92 -0.64
N TYR C 94 -20.65 28.42 -0.30
CA TYR C 94 -21.33 29.43 -1.09
C TYR C 94 -21.21 30.78 -0.41
N TYR C 95 -20.74 31.78 -1.17
CA TYR C 95 -20.55 33.14 -0.68
C TYR C 95 -21.54 34.07 -1.36
N CYS C 96 -22.22 34.89 -0.57
CA CYS C 96 -22.93 36.04 -1.14
C CYS C 96 -21.96 37.21 -1.10
N VAL C 97 -22.01 38.03 -2.13
CA VAL C 97 -21.08 39.16 -2.27
C VAL C 97 -21.85 40.37 -2.78
N LYS C 98 -21.36 41.55 -2.40
CA LYS C 98 -21.98 42.81 -2.79
C LYS C 98 -21.32 43.33 -4.05
N GLY C 99 -22.15 43.65 -5.05
CA GLY C 99 -21.71 44.24 -6.29
C GLY C 99 -21.77 45.75 -6.21
N GLN C 100 -21.86 46.38 -7.38
CA GLN C 100 -21.96 47.83 -7.42
C GLN C 100 -23.38 48.20 -7.84
N PHE C 101 -23.56 49.33 -8.51
CA PHE C 101 -24.90 49.82 -8.79
C PHE C 101 -25.54 49.07 -9.95
N LEU C 102 -24.87 49.04 -11.09
CA LEU C 102 -25.23 48.13 -12.16
C LEU C 102 -24.53 46.80 -11.95
N GLU C 103 -25.07 45.74 -12.55
CA GLU C 103 -24.58 44.40 -12.26
C GLU C 103 -23.42 43.94 -13.15
N TRP C 104 -23.11 44.68 -14.22
CA TRP C 104 -21.96 44.36 -15.06
C TRP C 104 -20.73 45.18 -14.63
N TYR C 105 -19.56 44.71 -15.08
CA TYR C 105 -18.25 45.26 -14.67
C TYR C 105 -17.99 45.14 -13.17
N ASN C 106 -18.61 44.17 -12.49
CA ASN C 106 -18.57 44.13 -11.04
C ASN C 106 -17.33 43.43 -10.50
N TRP C 107 -16.75 44.02 -9.45
CA TRP C 107 -15.94 43.30 -8.49
C TRP C 107 -16.82 43.00 -7.28
N PHE C 108 -16.27 42.26 -6.32
CA PHE C 108 -17.06 41.69 -5.23
C PHE C 108 -16.52 42.16 -3.90
N ASP C 109 -17.33 42.91 -3.15
CA ASP C 109 -16.86 43.53 -1.92
C ASP C 109 -17.99 44.09 -1.08
N PRO C 110 -18.18 43.61 0.15
CA PRO C 110 -17.43 42.52 0.80
C PRO C 110 -18.04 41.16 0.46
N TRP C 111 -17.51 40.11 1.09
CA TRP C 111 -17.99 38.74 0.97
C TRP C 111 -18.54 38.29 2.32
N GLY C 112 -19.58 37.46 2.29
CA GLY C 112 -20.01 36.82 3.51
C GLY C 112 -19.00 35.76 3.96
N GLN C 113 -19.24 35.27 5.19
CA GLN C 113 -18.42 34.21 5.75
C GLN C 113 -18.56 32.91 4.97
N GLY C 114 -19.66 32.73 4.24
CA GLY C 114 -19.88 31.52 3.48
C GLY C 114 -20.70 30.50 4.24
N THR C 115 -21.41 29.67 3.49
CA THR C 115 -22.16 28.55 4.06
C THR C 115 -21.88 27.31 3.23
N LEU C 116 -21.55 26.20 3.90
CA LEU C 116 -21.14 24.97 3.25
C LEU C 116 -22.34 24.13 2.83
N VAL C 117 -22.40 23.75 1.56
CA VAL C 117 -23.41 22.84 1.04
C VAL C 117 -22.71 21.55 0.65
N THR C 118 -23.17 20.42 1.20
CA THR C 118 -22.61 19.12 0.88
C THR C 118 -23.69 18.31 0.20
N VAL C 119 -23.44 17.89 -1.04
CA VAL C 119 -24.41 17.09 -1.79
C VAL C 119 -23.91 15.65 -1.78
N SER C 120 -24.65 14.78 -1.10
CA SER C 120 -24.24 13.41 -0.92
C SER C 120 -25.45 12.60 -0.48
N SER C 121 -25.43 11.31 -0.82
CA SER C 121 -26.46 10.38 -0.39
C SER C 121 -26.15 9.73 0.95
N ALA C 122 -25.00 10.06 1.56
CA ALA C 122 -24.59 9.48 2.82
C ALA C 122 -25.33 10.11 3.99
N SER C 123 -25.48 9.34 5.05
CA SER C 123 -26.25 9.80 6.20
C SER C 123 -25.41 10.65 7.14
N THR C 124 -26.09 11.56 7.84
CA THR C 124 -25.47 12.33 8.90
C THR C 124 -25.06 11.42 10.06
N LYS C 125 -23.85 11.61 10.57
CA LYS C 125 -23.38 10.83 11.70
C LYS C 125 -22.55 11.72 12.62
N GLY C 126 -22.90 11.71 13.91
CA GLY C 126 -22.17 12.44 14.90
C GLY C 126 -20.88 11.74 15.30
N PRO C 127 -19.88 12.52 15.69
CA PRO C 127 -18.58 11.93 16.05
C PRO C 127 -18.57 11.38 17.46
N SER C 128 -17.63 10.45 17.68
CA SER C 128 -17.16 10.11 19.00
C SER C 128 -15.97 11.00 19.34
N VAL C 129 -15.81 11.32 20.62
CA VAL C 129 -14.73 12.20 21.06
C VAL C 129 -13.88 11.44 22.06
N PHE C 130 -12.62 11.22 21.72
CA PHE C 130 -11.71 10.46 22.55
C PHE C 130 -10.58 11.35 23.05
N PRO C 131 -10.06 11.08 24.24
CA PRO C 131 -8.95 11.89 24.75
C PRO C 131 -7.62 11.45 24.16
N LEU C 132 -6.76 12.43 23.91
CA LEU C 132 -5.33 12.22 23.65
C LEU C 132 -4.62 12.66 24.93
N ALA C 133 -4.35 11.70 25.81
CA ALA C 133 -3.93 12.01 27.16
C ALA C 133 -2.43 12.32 27.20
N PRO C 134 -2.01 13.26 28.04
CA PRO C 134 -0.58 13.63 28.13
C PRO C 134 0.29 12.55 28.74
N THR C 143 7.27 21.23 28.46
CA THR C 143 6.08 21.29 27.60
C THR C 143 5.46 19.91 27.37
N ALA C 144 4.18 19.80 27.69
CA ALA C 144 3.39 18.59 27.46
C ALA C 144 2.37 18.85 26.36
N ALA C 145 1.87 17.79 25.76
CA ALA C 145 0.81 17.89 24.76
C ALA C 145 -0.38 17.02 25.14
N LEU C 146 -1.57 17.50 24.82
CA LEU C 146 -2.79 16.73 24.99
C LEU C 146 -3.77 17.16 23.92
N GLY C 147 -4.89 16.45 23.85
CA GLY C 147 -5.89 16.83 22.88
C GLY C 147 -7.08 15.91 22.87
N CYS C 148 -7.85 16.02 21.78
CA CYS C 148 -9.05 15.24 21.56
C CYS C 148 -9.05 14.71 20.14
N LEU C 149 -9.45 13.46 20.00
CA LEU C 149 -9.65 12.83 18.70
C LEU C 149 -11.17 12.81 18.44
N VAL C 150 -11.58 13.49 17.37
CA VAL C 150 -12.99 13.63 17.01
C VAL C 150 -13.22 12.76 15.78
N LYS C 151 -13.81 11.58 15.98
CA LYS C 151 -13.72 10.51 15.00
C LYS C 151 -15.09 10.07 14.51
N ASP C 152 -15.13 9.72 13.22
CA ASP C 152 -16.26 9.04 12.58
C ASP C 152 -17.52 9.92 12.52
N TYR C 153 -17.39 11.05 11.81
CA TYR C 153 -18.54 11.92 11.61
C TYR C 153 -18.72 12.27 10.14
N PHE C 154 -19.93 12.74 9.81
CA PHE C 154 -20.26 13.19 8.45
C PHE C 154 -21.49 14.07 8.54
N PRO C 155 -21.57 15.16 7.75
CA PRO C 155 -20.56 15.74 6.86
C PRO C 155 -19.64 16.66 7.64
N GLU C 156 -18.75 17.37 6.95
CA GLU C 156 -18.11 18.53 7.55
C GLU C 156 -19.16 19.60 7.88
N PRO C 157 -18.85 20.54 8.78
CA PRO C 157 -17.64 20.68 9.59
C PRO C 157 -17.85 20.37 11.08
N VAL C 158 -16.74 20.26 11.79
CA VAL C 158 -16.70 20.23 13.24
C VAL C 158 -15.89 21.42 13.72
N THR C 159 -16.34 22.08 14.78
CA THR C 159 -15.53 23.06 15.48
C THR C 159 -14.99 22.48 16.78
N VAL C 160 -13.79 22.89 17.16
CA VAL C 160 -13.20 22.53 18.45
C VAL C 160 -12.65 23.79 19.10
N SER C 161 -13.03 24.02 20.35
CA SER C 161 -12.38 25.00 21.20
C SER C 161 -11.90 24.30 22.46
N TRP C 162 -11.17 25.05 23.29
CA TRP C 162 -10.64 24.50 24.53
C TRP C 162 -11.00 25.40 25.69
N ASN C 163 -11.39 24.76 26.80
CA ASN C 163 -11.78 25.44 28.04
C ASN C 163 -12.78 26.57 27.77
N SER C 164 -13.76 26.28 26.91
CA SER C 164 -14.83 27.21 26.54
C SER C 164 -14.27 28.52 25.98
N GLY C 165 -13.17 28.42 25.22
CA GLY C 165 -12.55 29.58 24.63
C GLY C 165 -11.48 30.24 25.46
N ALA C 166 -11.28 29.79 26.70
CA ALA C 166 -10.28 30.41 27.57
C ALA C 166 -8.86 30.02 27.18
N LEU C 167 -8.67 28.84 26.60
CA LEU C 167 -7.38 28.34 26.16
C LEU C 167 -7.32 28.43 24.64
N THR C 168 -6.49 29.34 24.13
CA THR C 168 -6.23 29.47 22.70
C THR C 168 -4.77 29.33 22.31
N SER C 169 -3.84 29.73 23.18
CA SER C 169 -2.42 29.66 22.85
C SER C 169 -1.96 28.21 22.76
N GLY C 170 -1.25 27.88 21.69
CA GLY C 170 -0.72 26.55 21.52
C GLY C 170 -1.70 25.53 21.01
N VAL C 171 -2.90 25.96 20.65
CA VAL C 171 -3.94 25.07 20.12
C VAL C 171 -3.71 24.87 18.63
N HIS C 172 -3.78 23.62 18.18
CA HIS C 172 -3.76 23.28 16.76
C HIS C 172 -4.92 22.32 16.51
N THR C 173 -5.92 22.78 15.76
CA THR C 173 -7.01 21.91 15.31
C THR C 173 -6.73 21.56 13.87
N PHE C 174 -6.58 20.28 13.59
CA PHE C 174 -6.09 19.85 12.29
C PHE C 174 -7.22 19.74 11.29
N PRO C 175 -6.92 19.89 10.01
CA PRO C 175 -7.91 19.58 8.97
C PRO C 175 -8.37 18.13 9.11
N ALA C 176 -9.65 17.90 8.88
CA ALA C 176 -10.15 16.54 8.92
C ALA C 176 -9.56 15.71 7.79
N VAL C 177 -9.45 14.41 8.02
CA VAL C 177 -9.13 13.46 6.96
C VAL C 177 -10.38 12.62 6.71
N LEU C 178 -10.59 12.26 5.45
CA LEU C 178 -11.72 11.42 5.07
C LEU C 178 -11.24 9.96 5.13
N GLN C 179 -11.79 9.19 6.05
CA GLN C 179 -11.40 7.80 6.18
C GLN C 179 -12.04 6.98 5.05
N SER C 180 -11.47 5.80 4.80
CA SER C 180 -12.02 4.95 3.74
C SER C 180 -13.43 4.49 4.04
N SER C 181 -13.87 4.55 5.31
CA SER C 181 -15.25 4.29 5.67
C SER C 181 -16.21 5.36 5.14
N GLY C 182 -15.68 6.45 4.60
CA GLY C 182 -16.52 7.56 4.19
C GLY C 182 -16.84 8.54 5.29
N LEU C 183 -16.22 8.39 6.47
CA LEU C 183 -16.43 9.30 7.59
C LEU C 183 -15.14 10.08 7.85
N TYR C 184 -15.31 11.28 8.38
CA TYR C 184 -14.17 12.14 8.69
C TYR C 184 -13.64 11.86 10.08
N SER C 185 -12.38 12.24 10.29
CA SER C 185 -11.73 12.20 11.59
C SER C 185 -10.79 13.39 11.68
N LEU C 186 -10.78 14.07 12.83
CA LEU C 186 -9.72 15.05 13.05
C LEU C 186 -9.26 15.02 14.50
N SER C 187 -8.09 15.61 14.73
CA SER C 187 -7.55 15.80 16.07
C SER C 187 -7.42 17.27 16.35
N SER C 188 -7.62 17.66 17.61
CA SER C 188 -7.28 18.98 18.11
C SER C 188 -6.30 18.79 19.26
N VAL C 189 -5.21 19.55 19.26
CA VAL C 189 -4.18 19.40 20.27
C VAL C 189 -3.84 20.76 20.84
N VAL C 190 -3.25 20.73 22.04
CA VAL C 190 -2.74 21.94 22.68
C VAL C 190 -1.47 21.56 23.44
N THR C 191 -0.48 22.44 23.42
CA THR C 191 0.71 22.25 24.23
C THR C 191 0.65 23.18 25.43
N VAL C 192 1.04 22.66 26.58
CA VAL C 192 0.84 23.32 27.88
C VAL C 192 2.04 23.05 28.76
N PRO C 193 2.25 23.86 29.79
CA PRO C 193 3.31 23.58 30.76
C PRO C 193 3.07 22.24 31.45
N SER C 194 4.12 21.43 31.53
CA SER C 194 4.00 20.15 32.22
C SER C 194 3.54 20.32 33.67
N SER C 195 3.90 21.44 34.30
CA SER C 195 3.52 21.68 35.69
C SER C 195 2.02 21.85 35.86
N SER C 196 1.29 22.13 34.78
CA SER C 196 -0.14 22.34 34.88
C SER C 196 -0.95 21.05 34.84
N LEU C 197 -0.32 19.92 34.52
CA LEU C 197 -1.08 18.71 34.24
C LEU C 197 -1.87 18.24 35.46
N GLY C 198 -1.23 18.23 36.63
CA GLY C 198 -1.96 17.81 37.81
C GLY C 198 -2.91 18.82 38.39
N THR C 199 -3.03 20.01 37.81
CA THR C 199 -3.81 21.07 38.45
C THR C 199 -4.84 21.69 37.51
N GLN C 200 -4.42 22.11 36.31
CA GLN C 200 -5.32 22.78 35.38
C GLN C 200 -6.21 21.76 34.66
N THR C 201 -7.51 22.03 34.65
CA THR C 201 -8.46 21.16 33.97
C THR C 201 -8.50 21.54 32.48
N TYR C 202 -8.45 20.53 31.61
CA TYR C 202 -8.48 20.73 30.16
C TYR C 202 -9.71 20.05 29.60
N ILE C 203 -10.53 20.81 28.89
CA ILE C 203 -11.80 20.37 28.31
C ILE C 203 -11.82 20.80 26.85
N CYS C 204 -12.07 19.84 25.96
CA CYS C 204 -12.25 20.20 24.55
C CYS C 204 -13.75 20.28 24.25
N ASN C 205 -14.15 21.38 23.64
CA ASN C 205 -15.55 21.64 23.31
C ASN C 205 -15.74 21.35 21.83
N VAL C 206 -16.42 20.25 21.53
CA VAL C 206 -16.64 19.79 20.16
C VAL C 206 -18.08 20.08 19.78
N ASN C 207 -18.27 20.61 18.56
CA ASN C 207 -19.62 20.85 18.05
C ASN C 207 -19.68 20.37 16.61
N HIS C 208 -20.52 19.37 16.36
CA HIS C 208 -20.85 18.91 15.02
C HIS C 208 -22.31 19.31 14.80
N LYS C 209 -22.51 20.55 14.35
CA LYS C 209 -23.87 21.05 14.14
C LYS C 209 -24.70 20.21 13.17
N PRO C 210 -24.15 19.64 12.09
CA PRO C 210 -24.98 18.84 11.18
C PRO C 210 -25.73 17.68 11.87
N SER C 211 -25.20 17.16 12.98
CA SER C 211 -25.87 16.09 13.71
C SER C 211 -26.38 16.53 15.08
N ASN C 212 -26.37 17.83 15.36
CA ASN C 212 -26.71 18.36 16.69
C ASN C 212 -25.99 17.59 17.78
N THR C 213 -24.66 17.52 17.66
CA THR C 213 -23.82 16.83 18.61
C THR C 213 -22.82 17.84 19.17
N LYS C 214 -23.04 18.25 20.42
CA LYS C 214 -22.07 19.01 21.20
C LYS C 214 -21.57 18.14 22.33
N VAL C 215 -20.25 18.08 22.51
CA VAL C 215 -19.62 17.30 23.56
C VAL C 215 -18.55 18.16 24.22
N ASP C 216 -18.52 18.18 25.56
CA ASP C 216 -17.39 18.71 26.32
C ASP C 216 -16.65 17.52 26.92
N LYS C 217 -15.40 17.29 26.47
CA LYS C 217 -14.65 16.12 26.88
C LYS C 217 -13.47 16.55 27.75
N ARG C 218 -13.43 16.06 28.98
CA ARG C 218 -12.29 16.31 29.85
C ARG C 218 -11.14 15.40 29.46
N VAL C 219 -9.93 15.96 29.41
CA VAL C 219 -8.74 15.24 29.04
C VAL C 219 -7.81 15.24 30.24
N GLU C 220 -7.59 14.07 30.83
CA GLU C 220 -6.80 13.94 32.05
C GLU C 220 -5.59 13.05 31.82
N PRO C 221 -4.51 13.25 32.60
CA PRO C 221 -3.34 12.37 32.54
C PRO C 221 -3.69 10.90 32.80
N GLU D 1 -15.94 31.50 -21.95
CA GLU D 1 -15.45 32.23 -20.79
C GLU D 1 -14.02 32.71 -21.04
N ILE D 2 -13.67 33.84 -20.43
CA ILE D 2 -12.29 34.34 -20.49
C ILE D 2 -11.44 33.62 -19.45
N VAL D 3 -10.23 33.23 -19.84
CA VAL D 3 -9.35 32.42 -19.01
C VAL D 3 -8.33 33.33 -18.32
N MET D 4 -8.26 33.25 -17.00
CA MET D 4 -7.30 33.99 -16.21
C MET D 4 -6.21 33.03 -15.74
N THR D 5 -4.97 33.32 -16.10
CA THR D 5 -3.84 32.47 -15.76
C THR D 5 -2.93 33.23 -14.81
N GLN D 6 -2.80 32.72 -13.59
CA GLN D 6 -1.87 33.31 -12.63
C GLN D 6 -0.59 32.49 -12.58
N SER D 7 0.51 33.21 -12.36
CA SER D 7 1.83 32.61 -12.16
C SER D 7 2.57 33.45 -11.13
N PRO D 8 3.43 32.83 -10.31
CA PRO D 8 3.63 31.37 -10.24
C PRO D 8 2.50 30.70 -9.47
N ALA D 9 2.38 29.37 -9.57
CA ALA D 9 1.34 28.69 -8.82
C ALA D 9 1.57 28.81 -7.32
N THR D 10 2.82 28.82 -6.88
CA THR D 10 3.19 28.95 -5.48
C THR D 10 4.42 29.84 -5.38
N LEU D 11 4.59 30.48 -4.24
CA LEU D 11 5.71 31.39 -4.01
C LEU D 11 6.07 31.37 -2.54
N SER D 12 7.36 31.18 -2.24
CA SER D 12 7.87 31.20 -0.87
C SER D 12 8.74 32.45 -0.71
N VAL D 13 8.36 33.32 0.22
CA VAL D 13 8.95 34.65 0.37
C VAL D 13 9.19 34.90 1.85
N SER D 14 10.37 35.55 2.17
CA SER D 14 10.62 35.87 3.57
C SER D 14 10.08 37.24 3.91
N PRO D 15 9.73 37.49 5.17
CA PRO D 15 9.25 38.82 5.56
C PRO D 15 10.25 39.89 5.18
N GLY D 16 9.74 41.05 4.79
CA GLY D 16 10.56 42.14 4.32
C GLY D 16 10.92 42.10 2.85
N GLU D 17 10.78 40.94 2.20
CA GLU D 17 11.04 40.85 0.78
C GLU D 17 9.80 41.26 -0.02
N ARG D 18 9.96 41.34 -1.33
CA ARG D 18 8.88 41.72 -2.26
C ARG D 18 8.41 40.52 -3.05
N ALA D 19 7.10 40.31 -3.10
CA ALA D 19 6.50 39.30 -3.94
C ALA D 19 5.81 39.98 -5.12
N THR D 20 6.03 39.48 -6.32
CA THR D 20 5.32 39.96 -7.50
C THR D 20 4.53 38.82 -8.10
N LEU D 21 3.21 38.99 -8.18
CA LEU D 21 2.29 37.98 -8.70
C LEU D 21 1.78 38.43 -10.05
N SER D 22 1.71 37.50 -11.00
CA SER D 22 1.28 37.81 -12.36
C SER D 22 -0.09 37.23 -12.64
N CYS D 23 -0.88 37.96 -13.41
CA CYS D 23 -2.18 37.51 -13.85
C CYS D 23 -2.35 37.89 -15.31
N ARG D 24 -2.69 36.91 -16.14
CA ARG D 24 -2.89 37.13 -17.57
C ARG D 24 -4.30 36.71 -17.99
N ALA D 25 -4.91 37.48 -18.88
CA ALA D 25 -6.22 37.17 -19.45
C ALA D 25 -6.07 36.67 -20.88
N SER D 26 -6.96 35.74 -21.27
CA SER D 26 -6.88 35.14 -22.60
C SER D 26 -7.29 36.11 -23.70
N GLN D 27 -7.93 37.23 -23.35
CA GLN D 27 -8.21 38.31 -24.28
C GLN D 27 -8.26 39.59 -23.47
N SER D 28 -8.20 40.73 -24.16
CA SER D 28 -8.09 42.00 -23.47
C SER D 28 -9.25 42.20 -22.50
N VAL D 29 -8.99 42.94 -21.44
CA VAL D 29 -9.94 43.03 -20.34
C VAL D 29 -9.91 44.45 -19.79
N SER D 30 -9.11 45.30 -20.42
CA SER D 30 -8.99 46.73 -20.11
C SER D 30 -8.41 46.88 -18.69
N SER D 31 -8.93 47.80 -17.86
CA SER D 31 -8.54 47.85 -16.45
C SER D 31 -9.60 47.24 -15.53
N ASN D 32 -10.54 46.49 -16.08
CA ASN D 32 -11.59 45.86 -15.28
C ASN D 32 -11.03 44.55 -14.70
N LEU D 33 -10.15 44.71 -13.72
CA LEU D 33 -9.47 43.59 -13.08
C LEU D 33 -9.38 43.84 -11.59
N ALA D 34 -9.72 42.84 -10.79
CA ALA D 34 -9.63 42.93 -9.34
C ALA D 34 -8.70 41.86 -8.81
N TRP D 35 -8.20 42.10 -7.59
CA TRP D 35 -7.37 41.17 -6.84
C TRP D 35 -7.98 40.93 -5.48
N TYR D 36 -7.97 39.67 -5.04
CA TYR D 36 -8.46 39.25 -3.74
C TYR D 36 -7.37 38.50 -2.98
N GLN D 37 -7.44 38.61 -1.66
CA GLN D 37 -6.66 37.82 -0.71
C GLN D 37 -7.59 36.87 0.04
N GLN D 38 -7.25 35.58 0.09
CA GLN D 38 -7.99 34.63 0.91
C GLN D 38 -7.06 33.91 1.86
N LYS D 39 -7.19 34.19 3.15
CA LYS D 39 -6.47 33.50 4.20
C LYS D 39 -7.20 32.22 4.57
N PRO D 40 -6.50 31.24 5.15
CA PRO D 40 -7.13 29.94 5.43
C PRO D 40 -8.35 30.09 6.33
N GLY D 41 -9.42 29.40 5.94
CA GLY D 41 -10.63 29.42 6.74
C GLY D 41 -11.43 30.69 6.69
N GLN D 42 -11.03 31.66 5.87
CA GLN D 42 -11.73 32.93 5.73
C GLN D 42 -12.25 33.08 4.31
N ALA D 43 -13.18 34.03 4.15
CA ALA D 43 -13.65 34.44 2.84
C ALA D 43 -12.62 35.33 2.13
N PRO D 44 -12.65 35.37 0.80
CA PRO D 44 -11.81 36.35 0.08
C PRO D 44 -12.09 37.77 0.54
N ARG D 45 -11.05 38.60 0.46
CA ARG D 45 -11.13 40.02 0.76
C ARG D 45 -10.63 40.80 -0.45
N LEU D 46 -11.37 41.84 -0.84
CA LEU D 46 -10.94 42.67 -1.95
C LEU D 46 -9.67 43.42 -1.57
N LEU D 47 -8.66 43.33 -2.42
CA LEU D 47 -7.43 44.12 -2.30
C LEU D 47 -7.42 45.30 -3.27
N ILE D 48 -7.62 45.02 -4.55
CA ILE D 48 -7.44 45.97 -5.64
C ILE D 48 -8.66 45.89 -6.55
N TYR D 49 -9.18 47.04 -6.98
CA TYR D 49 -10.16 47.07 -8.05
C TYR D 49 -9.73 48.12 -9.08
N GLY D 50 -10.28 47.98 -10.28
CA GLY D 50 -9.86 48.86 -11.37
C GLY D 50 -8.39 48.73 -11.65
N ALA D 51 -7.85 47.51 -11.56
CA ALA D 51 -6.45 47.18 -11.80
C ALA D 51 -5.49 47.80 -10.80
N SER D 52 -5.76 49.01 -10.28
CA SER D 52 -4.76 49.67 -9.43
C SER D 52 -5.28 50.43 -8.22
N THR D 53 -6.59 50.44 -7.97
CA THR D 53 -7.12 51.18 -6.82
C THR D 53 -7.23 50.25 -5.62
N ARG D 54 -6.61 50.66 -4.51
CA ARG D 54 -6.65 49.89 -3.27
C ARG D 54 -7.99 50.07 -2.57
N ALA D 55 -8.51 48.96 -2.06
CA ALA D 55 -9.74 48.99 -1.27
C ALA D 55 -9.47 49.66 0.08
N THR D 56 -10.54 50.12 0.70
CA THR D 56 -10.44 50.83 1.97
C THR D 56 -9.88 49.92 3.05
N GLY D 57 -8.85 50.40 3.75
CA GLY D 57 -8.27 49.65 4.84
C GLY D 57 -7.28 48.60 4.41
N ILE D 58 -6.93 48.53 3.12
CA ILE D 58 -5.92 47.58 2.66
C ILE D 58 -4.55 48.21 2.85
N PRO D 59 -3.63 47.53 3.56
CA PRO D 59 -2.30 48.10 3.80
C PRO D 59 -1.63 48.63 2.55
N ALA D 60 -0.79 49.64 2.74
CA ALA D 60 -0.11 50.32 1.65
C ALA D 60 0.81 49.40 0.85
N ARG D 61 1.22 48.26 1.42
CA ARG D 61 2.19 47.40 0.75
C ARG D 61 1.64 46.67 -0.47
N PHE D 62 0.32 46.72 -0.71
CA PHE D 62 -0.29 46.02 -1.83
C PHE D 62 -0.55 46.98 -2.98
N SER D 63 -0.08 46.62 -4.18
CA SER D 63 -0.19 47.50 -5.33
C SER D 63 -0.49 46.71 -6.59
N GLY D 64 -1.51 47.12 -7.33
CA GLY D 64 -1.84 46.50 -8.60
C GLY D 64 -1.40 47.36 -9.76
N SER D 65 -1.14 46.70 -10.89
CA SER D 65 -0.66 47.40 -12.07
C SER D 65 -1.02 46.57 -13.31
N GLY D 66 -0.97 47.24 -14.46
CA GLY D 66 -1.23 46.61 -15.73
C GLY D 66 -2.56 47.03 -16.32
N SER D 67 -2.74 46.63 -17.58
CA SER D 67 -3.97 46.83 -18.32
C SER D 67 -3.95 45.88 -19.50
N GLY D 68 -5.11 45.71 -20.14
CA GLY D 68 -5.20 44.85 -21.29
C GLY D 68 -5.23 43.36 -20.97
N THR D 69 -4.06 42.72 -20.94
CA THR D 69 -4.00 41.28 -20.68
C THR D 69 -2.98 40.88 -19.63
N GLU D 70 -2.13 41.79 -19.15
CA GLU D 70 -1.05 41.43 -18.23
C GLU D 70 -1.12 42.33 -17.01
N PHE D 71 -1.30 41.72 -15.84
CA PHE D 71 -1.47 42.45 -14.60
C PHE D 71 -0.52 41.91 -13.55
N THR D 72 -0.26 42.72 -12.53
CA THR D 72 0.69 42.39 -11.50
C THR D 72 0.18 42.89 -10.16
N LEU D 73 0.30 42.05 -9.14
CA LEU D 73 0.09 42.42 -7.76
C LEU D 73 1.45 42.37 -7.08
N THR D 74 1.88 43.48 -6.50
CA THR D 74 3.14 43.54 -5.79
C THR D 74 2.85 43.74 -4.31
N ILE D 75 3.41 42.86 -3.49
CA ILE D 75 3.36 43.01 -2.04
C ILE D 75 4.76 43.44 -1.63
N SER D 76 4.89 44.67 -1.13
CA SER D 76 6.21 45.25 -1.00
C SER D 76 7.00 44.65 0.16
N SER D 77 6.72 45.06 1.39
CA SER D 77 7.46 44.55 2.54
C SER D 77 6.63 43.47 3.20
N LEU D 78 6.78 42.24 2.71
CA LEU D 78 5.95 41.11 3.13
C LEU D 78 5.97 40.95 4.64
N GLN D 79 4.81 40.61 5.21
CA GLN D 79 4.69 40.30 6.63
C GLN D 79 4.24 38.86 6.80
N SER D 80 4.49 38.32 8.01
CA SER D 80 4.15 36.93 8.28
C SER D 80 2.66 36.66 8.09
N GLU D 81 1.81 37.65 8.33
CA GLU D 81 0.36 37.47 8.21
C GLU D 81 -0.12 37.50 6.76
N ASP D 82 0.77 37.68 5.80
CA ASP D 82 0.40 37.76 4.39
C ASP D 82 0.28 36.38 3.73
N PHE D 83 0.56 35.31 4.48
CA PHE D 83 0.34 33.96 4.01
C PHE D 83 -1.13 33.84 3.61
N ALA D 84 -1.38 33.50 2.35
CA ALA D 84 -2.73 33.47 1.78
C ALA D 84 -2.65 33.00 0.34
N VAL D 85 -3.82 32.73 -0.25
CA VAL D 85 -3.93 32.54 -1.69
C VAL D 85 -4.45 33.85 -2.27
N TYR D 86 -3.84 34.29 -3.37
CA TYR D 86 -4.20 35.56 -4.01
C TYR D 86 -4.81 35.26 -5.37
N TYR D 87 -6.02 35.77 -5.60
CA TYR D 87 -6.75 35.54 -6.82
C TYR D 87 -6.93 36.83 -7.61
N CYS D 88 -6.81 36.75 -8.91
CA CYS D 88 -7.27 37.83 -9.77
C CYS D 88 -8.62 37.43 -10.39
N GLN D 89 -9.38 38.45 -10.77
CA GLN D 89 -10.69 38.28 -11.36
C GLN D 89 -10.88 39.37 -12.39
N GLN D 90 -11.23 38.98 -13.61
CA GLN D 90 -11.63 39.94 -14.62
C GLN D 90 -13.06 40.40 -14.36
N CYS D 91 -13.27 41.71 -14.45
CA CYS D 91 -14.57 42.33 -14.25
C CYS D 91 -15.10 42.93 -15.56
N ASP D 92 -14.89 42.24 -16.69
CA ASP D 92 -15.18 42.81 -18.00
C ASP D 92 -16.18 42.00 -18.84
N ASN D 93 -16.37 40.72 -18.56
CA ASN D 93 -17.02 39.80 -19.48
C ASN D 93 -17.85 38.80 -18.70
N TRP D 94 -19.07 38.54 -19.15
CA TRP D 94 -19.88 37.47 -18.58
C TRP D 94 -19.39 36.12 -19.11
N PRO D 95 -19.15 35.13 -18.25
CA PRO D 95 -19.23 35.22 -16.80
C PRO D 95 -17.96 35.79 -16.20
N PRO D 96 -18.05 36.39 -15.02
CA PRO D 96 -16.84 36.70 -14.26
C PRO D 96 -16.00 35.45 -14.07
N THR D 97 -14.68 35.58 -14.28
CA THR D 97 -13.79 34.45 -14.15
C THR D 97 -12.58 34.84 -13.32
N PHE D 98 -12.08 33.88 -12.57
CA PHE D 98 -10.97 34.03 -11.63
C PHE D 98 -9.76 33.25 -12.12
N GLY D 99 -8.57 33.78 -11.82
CA GLY D 99 -7.38 32.96 -11.89
C GLY D 99 -7.44 31.84 -10.86
N GLN D 100 -6.54 30.87 -11.00
CA GLN D 100 -6.53 29.74 -10.09
C GLN D 100 -5.69 30.01 -8.84
N GLY D 101 -5.15 31.21 -8.72
CA GLY D 101 -4.55 31.64 -7.47
C GLY D 101 -3.06 31.42 -7.45
N THR D 102 -2.37 32.27 -6.69
CA THR D 102 -0.99 32.08 -6.27
C THR D 102 -0.99 31.91 -4.76
N LYS D 103 -0.51 30.75 -4.30
CA LYS D 103 -0.37 30.50 -2.87
C LYS D 103 0.97 31.05 -2.41
N VAL D 104 0.93 32.02 -1.50
CA VAL D 104 2.14 32.63 -0.96
C VAL D 104 2.40 32.04 0.41
N GLU D 105 3.58 31.43 0.58
CA GLU D 105 4.05 30.90 1.84
C GLU D 105 5.13 31.82 2.39
N ILE D 106 5.15 31.98 3.71
CA ILE D 106 6.18 32.77 4.39
C ILE D 106 7.38 31.88 4.68
N LYS D 107 8.55 32.30 4.21
CA LYS D 107 9.77 31.56 4.52
C LYS D 107 10.31 31.99 5.88
N ARG D 108 10.87 31.04 6.61
CA ARG D 108 11.44 31.34 7.90
C ARG D 108 12.61 30.38 8.13
N THR D 109 13.34 30.61 9.22
CA THR D 109 14.47 29.74 9.52
C THR D 109 13.99 28.33 9.84
N VAL D 110 14.90 27.36 9.70
CA VAL D 110 14.54 25.98 9.97
C VAL D 110 14.16 25.84 11.44
N ALA D 111 13.10 25.10 11.71
CA ALA D 111 12.66 24.83 13.07
C ALA D 111 12.27 23.36 13.17
N ALA D 112 12.95 22.63 14.05
CA ALA D 112 12.66 21.22 14.21
C ALA D 112 11.34 21.02 14.95
N PRO D 113 10.61 19.95 14.65
CA PRO D 113 9.37 19.68 15.39
C PRO D 113 9.65 19.11 16.78
N SER D 114 8.78 19.49 17.71
CA SER D 114 8.61 18.73 18.95
C SER D 114 7.63 17.59 18.67
N VAL D 115 7.98 16.39 19.11
CA VAL D 115 7.25 15.17 18.73
C VAL D 115 6.57 14.56 19.93
N PHE D 116 5.31 14.15 19.76
CA PHE D 116 4.55 13.50 20.82
C PHE D 116 3.79 12.32 20.24
N ILE D 117 3.70 11.23 21.01
CA ILE D 117 2.93 10.06 20.61
C ILE D 117 1.84 9.80 21.65
N PHE D 118 0.64 9.42 21.19
CA PHE D 118 -0.51 9.16 22.03
C PHE D 118 -1.04 7.75 21.78
N PRO D 119 -1.23 6.95 22.82
CA PRO D 119 -1.89 5.65 22.66
C PRO D 119 -3.38 5.81 22.46
N PRO D 120 -4.06 4.80 21.92
CA PRO D 120 -5.52 4.84 21.88
C PRO D 120 -6.09 4.87 23.30
N SER D 121 -7.23 5.53 23.44
CA SER D 121 -7.92 5.61 24.71
C SER D 121 -8.63 4.30 25.00
N ASP D 122 -8.74 3.96 26.29
CA ASP D 122 -9.48 2.76 26.66
C ASP D 122 -10.91 2.81 26.15
N GLU D 123 -11.50 4.01 26.09
CA GLU D 123 -12.87 4.14 25.58
C GLU D 123 -12.96 3.73 24.12
N GLN D 124 -12.01 4.19 23.29
CA GLN D 124 -12.04 3.80 21.88
C GLN D 124 -11.82 2.30 21.72
N LEU D 125 -10.97 1.71 22.56
CA LEU D 125 -10.72 0.27 22.46
C LEU D 125 -12.00 -0.52 22.66
N LYS D 126 -12.94 0.00 23.46
CA LYS D 126 -14.23 -0.67 23.64
C LYS D 126 -14.95 -0.89 22.32
N SER D 127 -14.69 -0.05 21.32
CA SER D 127 -15.43 -0.06 20.07
C SER D 127 -14.80 -0.93 19.00
N GLY D 128 -13.65 -1.54 19.27
CA GLY D 128 -13.03 -2.45 18.33
C GLY D 128 -11.97 -1.85 17.42
N THR D 129 -11.69 -0.56 17.55
CA THR D 129 -10.69 0.12 16.74
C THR D 129 -9.72 0.85 17.65
N ALA D 130 -8.45 0.93 17.22
CA ALA D 130 -7.41 1.65 17.94
C ALA D 130 -6.79 2.69 17.02
N SER D 131 -6.79 3.94 17.47
CA SER D 131 -6.11 5.03 16.77
C SER D 131 -4.88 5.43 17.58
N VAL D 132 -3.71 5.37 16.95
CA VAL D 132 -2.45 5.81 17.54
C VAL D 132 -2.05 7.10 16.83
N VAL D 133 -1.77 8.15 17.60
CA VAL D 133 -1.60 9.48 17.05
C VAL D 133 -0.19 9.97 17.37
N CYS D 134 0.47 10.52 16.34
CA CYS D 134 1.78 11.14 16.48
C CYS D 134 1.65 12.61 16.08
N LEU D 135 2.14 13.48 16.94
CA LEU D 135 2.03 14.92 16.74
C LEU D 135 3.41 15.51 16.50
N LEU D 136 3.53 16.30 15.44
CA LEU D 136 4.76 17.05 15.13
C LEU D 136 4.41 18.52 15.24
N ASN D 137 4.95 19.20 16.25
CA ASN D 137 4.48 20.52 16.63
C ASN D 137 5.48 21.60 16.21
N ASN D 138 4.99 22.59 15.46
CA ASN D 138 5.65 23.89 15.23
C ASN D 138 7.01 23.73 14.54
N PHE D 139 6.96 23.33 13.27
CA PHE D 139 8.19 23.07 12.54
C PHE D 139 8.20 23.79 11.19
N TYR D 140 9.39 23.89 10.60
CA TYR D 140 9.56 24.48 9.28
C TYR D 140 10.87 23.99 8.68
N PRO D 141 10.91 23.60 7.38
CA PRO D 141 9.83 23.68 6.38
C PRO D 141 8.77 22.61 6.54
N ARG D 142 7.79 22.64 5.63
CA ARG D 142 6.62 21.79 5.75
C ARG D 142 6.94 20.32 5.52
N GLU D 143 7.96 20.03 4.71
CA GLU D 143 8.28 18.65 4.37
C GLU D 143 8.77 17.89 5.61
N ALA D 144 8.15 16.74 5.87
CA ALA D 144 8.54 15.93 7.01
C ALA D 144 8.10 14.50 6.77
N LYS D 145 8.87 13.56 7.31
CA LYS D 145 8.60 12.12 7.18
C LYS D 145 8.26 11.55 8.55
N VAL D 146 7.10 10.90 8.63
CA VAL D 146 6.69 10.12 9.79
C VAL D 146 6.73 8.65 9.40
N GLN D 147 7.43 7.83 10.18
CA GLN D 147 7.46 6.39 9.97
C GLN D 147 6.93 5.71 11.23
N TRP D 148 5.86 4.94 11.06
CA TRP D 148 5.29 4.13 12.15
C TRP D 148 5.94 2.76 12.17
N LYS D 149 6.18 2.27 13.39
CA LYS D 149 6.68 0.91 13.58
C LYS D 149 5.92 0.28 14.73
N VAL D 150 5.57 -0.99 14.55
CA VAL D 150 4.83 -1.76 15.53
C VAL D 150 5.63 -3.01 15.80
N ASP D 151 6.27 -3.08 16.97
CA ASP D 151 7.25 -4.12 17.28
C ASP D 151 8.27 -4.26 16.15
N ASN D 152 8.77 -3.10 15.71
CA ASN D 152 9.79 -2.94 14.67
C ASN D 152 9.32 -3.40 13.28
N ALA D 153 8.03 -3.57 13.07
CA ALA D 153 7.48 -3.79 11.74
C ALA D 153 7.12 -2.44 11.14
N LEU D 154 7.66 -2.16 9.96
CA LEU D 154 7.40 -0.90 9.26
C LEU D 154 5.96 -0.86 8.78
N GLN D 155 5.21 0.14 9.23
CA GLN D 155 3.83 0.33 8.79
C GLN D 155 3.80 1.21 7.54
N SER D 156 3.07 0.76 6.52
CA SER D 156 2.94 1.54 5.30
C SER D 156 1.50 1.47 4.80
N GLY D 157 0.92 2.64 4.55
CA GLY D 157 -0.41 2.73 3.97
C GLY D 157 -1.55 2.69 4.97
N ASN D 158 -1.31 2.42 6.25
CA ASN D 158 -2.38 2.33 7.23
C ASN D 158 -2.36 3.50 8.20
N SER D 159 -1.83 4.64 7.77
CA SER D 159 -1.91 5.87 8.53
C SER D 159 -2.40 6.99 7.62
N GLN D 160 -2.95 8.05 8.23
CA GLN D 160 -3.35 9.25 7.50
C GLN D 160 -2.79 10.48 8.20
N GLU D 161 -2.32 11.44 7.41
CA GLU D 161 -1.65 12.63 7.90
C GLU D 161 -2.45 13.87 7.57
N SER D 162 -2.39 14.85 8.47
CA SER D 162 -2.98 16.15 8.23
C SER D 162 -2.04 17.24 8.74
N VAL D 163 -1.98 18.37 8.02
CA VAL D 163 -1.05 19.45 8.33
C VAL D 163 -1.82 20.76 8.48
N THR D 164 -1.55 21.50 9.54
CA THR D 164 -2.18 22.79 9.73
C THR D 164 -1.69 23.79 8.68
N GLU D 165 -2.50 24.80 8.43
CA GLU D 165 -2.02 25.90 7.61
C GLU D 165 -0.95 26.67 8.36
N GLN D 166 -0.14 27.40 7.59
CA GLN D 166 0.96 28.12 8.19
C GLN D 166 0.47 29.06 9.29
N ASP D 167 1.12 28.99 10.45
CA ASP D 167 0.76 29.86 11.55
C ASP D 167 0.99 31.32 11.19
N SER D 168 -0.04 32.14 11.37
CA SER D 168 0.03 33.54 10.95
C SER D 168 1.08 34.33 11.73
N LYS D 169 1.54 33.80 12.88
CA LYS D 169 2.45 34.51 13.75
C LYS D 169 3.89 34.01 13.69
N ASP D 170 4.12 32.69 13.79
CA ASP D 170 5.48 32.17 13.76
C ASP D 170 5.83 31.42 12.47
N SER D 171 4.90 31.33 11.51
CA SER D 171 5.15 30.76 10.19
C SER D 171 5.51 29.28 10.25
N THR D 172 5.22 28.59 11.34
CA THR D 172 5.49 27.16 11.41
C THR D 172 4.26 26.36 10.99
N TYR D 173 4.49 25.06 10.85
CA TYR D 173 3.46 24.07 10.56
C TYR D 173 3.42 23.07 11.71
N SER D 174 2.27 22.42 11.85
CA SER D 174 2.16 21.28 12.74
C SER D 174 1.49 20.15 11.96
N LEU D 175 1.75 18.92 12.39
CA LEU D 175 1.32 17.76 11.63
C LEU D 175 0.81 16.70 12.60
N SER D 176 -0.31 16.09 12.24
CA SER D 176 -0.82 14.95 12.99
C SER D 176 -0.88 13.75 12.05
N SER D 177 -0.40 12.61 12.53
CA SER D 177 -0.48 11.35 11.81
C SER D 177 -1.19 10.35 12.69
N THR D 178 -2.21 9.70 12.14
CA THR D 178 -3.00 8.72 12.87
C THR D 178 -2.79 7.34 12.26
N LEU D 179 -2.29 6.41 13.07
CA LEU D 179 -2.18 5.01 12.68
C LEU D 179 -3.41 4.27 13.17
N THR D 180 -4.14 3.63 12.25
CA THR D 180 -5.35 2.90 12.59
C THR D 180 -5.09 1.41 12.55
N LEU D 181 -5.46 0.72 13.63
CA LEU D 181 -5.34 -0.72 13.77
C LEU D 181 -6.63 -1.25 14.37
N SER D 182 -6.87 -2.54 14.14
CA SER D 182 -7.96 -3.19 14.86
C SER D 182 -7.57 -3.37 16.32
N LYS D 183 -8.57 -3.40 17.19
CA LYS D 183 -8.35 -3.72 18.60
C LYS D 183 -7.59 -5.02 18.74
N ALA D 184 -7.96 -6.03 17.97
CA ALA D 184 -7.29 -7.33 18.05
C ALA D 184 -5.81 -7.20 17.72
N ASP D 185 -5.48 -6.51 16.63
CA ASP D 185 -4.07 -6.34 16.28
C ASP D 185 -3.33 -5.49 17.30
N TYR D 186 -3.98 -4.43 17.79
CA TYR D 186 -3.32 -3.54 18.74
C TYR D 186 -2.92 -4.29 20.01
N GLU D 187 -3.76 -5.23 20.46
CA GLU D 187 -3.48 -5.94 21.69
C GLU D 187 -2.55 -7.14 21.50
N LYS D 188 -2.07 -7.39 20.29
CA LYS D 188 -1.08 -8.44 20.04
C LYS D 188 0.34 -7.91 19.99
N HIS D 189 0.55 -6.61 20.16
CA HIS D 189 1.86 -6.02 20.00
C HIS D 189 2.15 -5.06 21.13
N LYS D 190 3.44 -4.83 21.36
CA LYS D 190 3.91 -4.10 22.53
C LYS D 190 4.42 -2.70 22.20
N VAL D 191 5.42 -2.57 21.34
CA VAL D 191 6.11 -1.31 21.14
C VAL D 191 5.49 -0.56 19.97
N TYR D 192 5.02 0.65 20.23
CA TYR D 192 4.46 1.53 19.21
C TYR D 192 5.32 2.77 19.12
N ALA D 193 5.88 3.03 17.94
CA ALA D 193 6.84 4.09 17.76
C ALA D 193 6.51 4.89 16.51
N CYS D 194 6.66 6.21 16.59
CA CYS D 194 6.71 7.05 15.40
C CYS D 194 8.10 7.69 15.33
N GLU D 195 8.73 7.53 14.18
CA GLU D 195 10.06 8.08 13.91
C GLU D 195 9.90 9.26 12.96
N VAL D 196 10.46 10.40 13.36
CA VAL D 196 10.26 11.66 12.65
C VAL D 196 11.59 12.10 12.04
N THR D 197 11.59 12.32 10.73
CA THR D 197 12.73 12.88 10.00
C THR D 197 12.37 14.29 9.54
N HIS D 198 13.25 15.24 9.79
CA HIS D 198 13.03 16.62 9.42
C HIS D 198 14.37 17.32 9.23
N GLN D 199 14.34 18.42 8.48
CA GLN D 199 15.57 19.16 8.17
C GLN D 199 16.23 19.72 9.44
N GLY D 200 15.43 20.10 10.43
CA GLY D 200 15.92 20.61 11.70
C GLY D 200 16.39 19.58 12.70
N LEU D 201 16.35 18.30 12.35
CA LEU D 201 16.80 17.22 13.22
C LEU D 201 18.04 16.59 12.60
N SER D 202 19.16 16.64 13.33
CA SER D 202 20.41 16.07 12.82
C SER D 202 20.26 14.58 12.53
N SER D 203 19.42 13.87 13.29
CA SER D 203 19.08 12.49 13.02
C SER D 203 17.62 12.29 13.46
N PRO D 204 16.91 11.31 12.88
CA PRO D 204 15.49 11.14 13.21
C PRO D 204 15.26 10.95 14.70
N VAL D 205 14.11 11.45 15.17
CA VAL D 205 13.71 11.33 16.56
C VAL D 205 12.56 10.35 16.64
N THR D 206 12.64 9.42 17.60
CA THR D 206 11.61 8.43 17.81
C THR D 206 10.96 8.67 19.16
N LYS D 207 9.64 8.74 19.17
CA LYS D 207 8.85 8.69 20.39
C LYS D 207 8.06 7.40 20.37
N SER D 208 8.04 6.70 21.50
CA SER D 208 7.40 5.39 21.54
C SER D 208 6.73 5.20 22.89
N PHE D 209 5.87 4.18 22.95
CA PHE D 209 5.28 3.71 24.19
C PHE D 209 5.12 2.20 24.11
N ASN D 210 5.02 1.57 25.28
CA ASN D 210 4.74 0.14 25.37
C ASN D 210 3.30 -0.07 25.80
#